data_9MEN
#
_entry.id   9MEN
#
_cell.length_a   1.00
_cell.length_b   1.00
_cell.length_c   1.00
_cell.angle_alpha   90.00
_cell.angle_beta   90.00
_cell.angle_gamma   90.00
#
_symmetry.space_group_name_H-M   'P 1'
#
loop_
_entity.id
_entity.type
_entity.pdbx_description
1 polymer 'C-X-C chemokine receptor type 4'
2 polymer 'Surface protein gp120'
#
loop_
_entity_poly.entity_id
_entity_poly.type
_entity_poly.pdbx_seq_one_letter_code
_entity_poly.pdbx_strand_id
1 'polypeptide(L)'
;MEGISIYTSDNYTEEMGSGDYDSMKEPCFREENANFNKIFLPTIYSIIFLTGIVGNGLVILVMGYQKKLRSMTDKYRLHL
SVADLLFVITLPFWAVDAVANWYFGNFLCKAVHVIYTVNLYSSVLILAFISLDRYLAIVHATNSQRPRKLLAEKVVYVGV
WIPALLLTIPDFIFANVSEADDRYICDRFYPNDLWVVVFQFQHIMVGLILPGIVILSCYCIIISKLSHSKGHQKRKALKT
TVILILAFFACWLPYYIGISIDSFILLEIIKQGCEFENTVHKWISITEALAFFHCCLNPILYAFLGAKFKTSAQHALTSV
SRGSSLKILSKGKRGGHSSVSTESESSSFHSSDYKDDDDK
;
A,B,C,D
2 'polypeptide(L)' NKTVLPIMSGFKFHSKPVIN E
#
# COMPACT_ATOMS: atom_id res chain seq x y z
N GLU A 26 8.32 -38.72 -9.38
CA GLU A 26 7.18 -38.02 -9.97
C GLU A 26 6.01 -38.96 -10.21
N PRO A 27 5.21 -39.22 -9.15
CA PRO A 27 4.04 -40.10 -9.31
C PRO A 27 2.97 -39.51 -10.21
N CYS A 28 2.51 -38.31 -9.88
CA CYS A 28 1.45 -37.60 -10.61
C CYS A 28 1.49 -36.14 -10.17
N PHE A 29 0.51 -35.37 -10.60
CA PHE A 29 0.37 -33.97 -10.20
C PHE A 29 -0.64 -33.89 -9.06
N ARG A 30 -0.20 -33.39 -7.91
CA ARG A 30 -1.05 -33.32 -6.73
C ARG A 30 -1.88 -32.04 -6.75
N GLU A 31 -2.89 -32.00 -5.88
CA GLU A 31 -3.76 -30.84 -5.73
C GLU A 31 -3.78 -30.43 -4.27
N GLU A 32 -3.56 -29.14 -4.02
CA GLU A 32 -3.53 -28.64 -2.65
C GLU A 32 -3.89 -27.16 -2.66
N ASN A 33 -4.84 -26.78 -1.80
CA ASN A 33 -5.24 -25.40 -1.62
C ASN A 33 -4.70 -24.91 -0.28
N ALA A 34 -4.18 -23.68 -0.28
CA ALA A 34 -3.56 -23.12 0.92
C ALA A 34 -4.62 -22.80 1.97
N ASN A 35 -4.22 -22.91 3.24
CA ASN A 35 -5.15 -22.62 4.33
C ASN A 35 -5.43 -21.14 4.48
N PHE A 36 -4.51 -20.29 4.02
CA PHE A 36 -4.77 -18.86 4.04
C PHE A 36 -5.75 -18.46 2.94
N ASN A 37 -5.76 -19.18 1.83
CA ASN A 37 -6.70 -18.89 0.75
C ASN A 37 -8.10 -19.41 1.02
N LYS A 38 -8.30 -20.14 2.10
CA LYS A 38 -9.63 -20.58 2.49
C LYS A 38 -10.30 -19.63 3.47
N ILE A 39 -9.59 -18.60 3.93
CA ILE A 39 -10.15 -17.57 4.79
C ILE A 39 -10.07 -16.19 4.13
N PHE A 40 -8.95 -15.89 3.47
CA PHE A 40 -8.79 -14.59 2.81
C PHE A 40 -9.71 -14.42 1.61
N LEU A 41 -9.91 -15.49 0.84
CA LEU A 41 -10.79 -15.43 -0.32
C LEU A 41 -12.28 -15.29 0.03
N PRO A 42 -12.84 -15.96 1.06
CA PRO A 42 -14.20 -15.58 1.48
C PRO A 42 -14.32 -14.14 1.98
N THR A 43 -13.27 -13.60 2.61
CA THR A 43 -13.29 -12.19 3.02
C THR A 43 -13.37 -11.26 1.82
N ILE A 44 -12.55 -11.53 0.80
CA ILE A 44 -12.54 -10.72 -0.41
C ILE A 44 -13.86 -10.86 -1.17
N TYR A 45 -14.39 -12.09 -1.25
CA TYR A 45 -15.66 -12.33 -1.92
C TYR A 45 -16.81 -11.63 -1.20
N SER A 46 -16.81 -11.64 0.13
CA SER A 46 -17.88 -10.98 0.88
C SER A 46 -17.77 -9.46 0.77
N ILE A 47 -16.54 -8.92 0.77
CA ILE A 47 -16.34 -7.48 0.62
C ILE A 47 -16.84 -7.02 -0.74
N ILE A 48 -16.45 -7.74 -1.80
CA ILE A 48 -16.85 -7.39 -3.16
C ILE A 48 -18.35 -7.57 -3.34
N PHE A 49 -18.93 -8.61 -2.74
CA PHE A 49 -20.37 -8.83 -2.80
C PHE A 49 -21.14 -7.71 -2.12
N LEU A 50 -20.68 -7.26 -0.96
CA LEU A 50 -21.37 -6.18 -0.26
C LEU A 50 -21.29 -4.87 -1.03
N THR A 51 -20.08 -4.47 -1.45
CA THR A 51 -19.98 -3.19 -2.16
C THR A 51 -20.63 -3.26 -3.53
N GLY A 52 -20.65 -4.44 -4.17
CA GLY A 52 -21.34 -4.59 -5.43
C GLY A 52 -22.85 -4.50 -5.29
N ILE A 53 -23.41 -5.13 -4.24
CA ILE A 53 -24.86 -5.14 -4.09
C ILE A 53 -25.37 -3.74 -3.75
N VAL A 54 -24.67 -3.00 -2.87
CA VAL A 54 -25.09 -1.63 -2.57
C VAL A 54 -24.87 -0.71 -3.77
N GLY A 55 -23.70 -0.78 -4.39
CA GLY A 55 -23.40 0.14 -5.48
C GLY A 55 -24.26 -0.06 -6.70
N ASN A 56 -24.45 -1.33 -7.12
CA ASN A 56 -25.26 -1.58 -8.29
C ASN A 56 -26.75 -1.42 -8.00
N GLY A 57 -27.20 -1.71 -6.78
CA GLY A 57 -28.59 -1.43 -6.44
C GLY A 57 -28.89 0.06 -6.44
N LEU A 58 -27.97 0.86 -5.89
CA LEU A 58 -28.16 2.31 -5.89
C LEU A 58 -28.08 2.89 -7.30
N VAL A 59 -27.17 2.37 -8.14
CA VAL A 59 -27.04 2.86 -9.51
C VAL A 59 -28.28 2.51 -10.33
N ILE A 60 -28.81 1.30 -10.16
CA ILE A 60 -30.04 0.92 -10.87
C ILE A 60 -31.22 1.76 -10.38
N LEU A 61 -31.38 1.89 -9.06
CA LEU A 61 -32.49 2.65 -8.50
C LEU A 61 -32.39 4.15 -8.76
N VAL A 62 -31.22 4.67 -9.08
CA VAL A 62 -31.08 6.09 -9.39
C VAL A 62 -31.27 6.36 -10.89
N MET A 63 -30.56 5.62 -11.75
CA MET A 63 -30.70 5.90 -13.18
C MET A 63 -31.86 5.16 -13.84
N GLY A 64 -31.92 3.83 -13.70
CA GLY A 64 -32.88 3.09 -14.49
C GLY A 64 -34.30 3.08 -13.98
N TYR A 65 -34.57 3.71 -12.85
CA TYR A 65 -35.91 3.76 -12.29
C TYR A 65 -36.49 5.16 -12.21
N GLN A 66 -35.69 6.15 -11.81
CA GLN A 66 -36.16 7.51 -11.64
C GLN A 66 -35.85 8.41 -12.83
N LYS A 67 -35.22 7.85 -13.88
CA LYS A 67 -34.89 8.55 -15.14
C LYS A 67 -34.00 9.78 -14.88
N LYS A 68 -32.87 9.53 -14.23
CA LYS A 68 -31.91 10.58 -13.95
C LYS A 68 -30.84 10.70 -15.04
N LEU A 69 -30.62 9.64 -15.81
CA LEU A 69 -29.49 9.59 -16.74
C LEU A 69 -29.68 10.57 -17.90
N ARG A 70 -28.60 11.28 -18.22
CA ARG A 70 -28.60 12.30 -19.26
C ARG A 70 -27.64 12.00 -20.39
N SER A 71 -26.37 11.74 -20.06
CA SER A 71 -25.36 11.50 -21.08
C SER A 71 -25.55 10.12 -21.69
N MET A 72 -24.95 9.93 -22.88
CA MET A 72 -25.22 8.75 -23.67
C MET A 72 -24.52 7.51 -23.12
N THR A 73 -23.45 7.70 -22.34
CA THR A 73 -22.72 6.57 -21.77
C THR A 73 -23.40 5.98 -20.55
N ASP A 74 -24.36 6.68 -19.96
CA ASP A 74 -25.02 6.17 -18.77
C ASP A 74 -25.94 4.99 -19.05
N LYS A 75 -26.43 4.85 -20.29
CA LYS A 75 -27.15 3.63 -20.66
C LYS A 75 -26.23 2.42 -20.62
N TYR A 76 -25.00 2.58 -21.13
CA TYR A 76 -24.02 1.51 -21.06
C TYR A 76 -23.60 1.22 -19.62
N ARG A 77 -23.47 2.27 -18.80
CA ARG A 77 -23.13 2.04 -17.40
C ARG A 77 -24.28 1.37 -16.65
N LEU A 78 -25.52 1.63 -17.05
CA LEU A 78 -26.67 0.90 -16.52
C LEU A 78 -26.62 -0.58 -16.90
N HIS A 79 -26.27 -0.88 -18.17
CA HIS A 79 -26.16 -2.27 -18.59
C HIS A 79 -25.01 -2.99 -17.87
N LEU A 80 -23.89 -2.28 -17.70
CA LEU A 80 -22.75 -2.82 -16.97
C LEU A 80 -23.11 -3.08 -15.51
N SER A 81 -23.90 -2.18 -14.91
CA SER A 81 -24.34 -2.39 -13.54
C SER A 81 -25.35 -3.52 -13.44
N VAL A 82 -26.14 -3.76 -14.49
CA VAL A 82 -27.08 -4.88 -14.48
C VAL A 82 -26.32 -6.21 -14.50
N ALA A 83 -25.33 -6.33 -15.39
CA ALA A 83 -24.50 -7.54 -15.42
C ALA A 83 -23.67 -7.68 -14.13
N ASP A 84 -23.26 -6.55 -13.57
CA ASP A 84 -22.52 -6.53 -12.31
C ASP A 84 -23.39 -7.03 -11.15
N LEU A 85 -24.65 -6.61 -11.12
CA LEU A 85 -25.61 -7.10 -10.15
C LEU A 85 -25.84 -8.60 -10.30
N LEU A 86 -25.92 -9.07 -11.55
CA LEU A 86 -26.13 -10.49 -11.81
C LEU A 86 -24.95 -11.32 -11.31
N PHE A 87 -23.74 -10.81 -11.44
CA PHE A 87 -22.59 -11.53 -10.90
C PHE A 87 -22.52 -11.44 -9.37
N VAL A 88 -22.83 -10.26 -8.82
CA VAL A 88 -22.68 -10.02 -7.39
C VAL A 88 -23.68 -10.83 -6.58
N ILE A 89 -24.92 -10.98 -7.08
CA ILE A 89 -25.97 -11.65 -6.33
C ILE A 89 -25.68 -13.14 -6.10
N THR A 90 -24.85 -13.77 -6.92
CA THR A 90 -24.41 -15.14 -6.69
C THR A 90 -22.91 -15.28 -6.45
N LEU A 91 -22.20 -14.18 -6.26
CA LEU A 91 -20.90 -14.22 -5.59
C LEU A 91 -20.86 -14.91 -4.21
N PRO A 92 -21.93 -14.89 -3.37
CA PRO A 92 -21.89 -15.72 -2.14
C PRO A 92 -21.73 -17.22 -2.37
N PHE A 93 -22.14 -17.74 -3.53
CA PHE A 93 -21.89 -19.16 -3.80
C PHE A 93 -20.41 -19.44 -4.00
N TRP A 94 -19.69 -18.52 -4.64
CA TRP A 94 -18.23 -18.61 -4.69
C TRP A 94 -17.62 -18.44 -3.31
N ALA A 95 -18.22 -17.58 -2.47
CA ALA A 95 -17.72 -17.38 -1.11
C ALA A 95 -17.88 -18.64 -0.27
N VAL A 96 -18.99 -19.36 -0.43
CA VAL A 96 -19.17 -20.64 0.27
C VAL A 96 -18.24 -21.69 -0.31
N ASP A 97 -18.08 -21.72 -1.64
CA ASP A 97 -17.24 -22.72 -2.30
C ASP A 97 -15.76 -22.56 -1.96
N ALA A 98 -15.33 -21.34 -1.61
CA ALA A 98 -13.93 -21.12 -1.26
C ALA A 98 -13.54 -21.79 0.07
N VAL A 99 -14.49 -21.99 0.98
CA VAL A 99 -14.20 -22.59 2.27
C VAL A 99 -14.90 -23.94 2.45
N ALA A 100 -16.03 -24.15 1.79
CA ALA A 100 -16.79 -25.38 1.93
C ALA A 100 -16.82 -26.12 0.58
N ASN A 101 -17.59 -27.19 0.53
CA ASN A 101 -17.78 -27.96 -0.69
C ASN A 101 -19.11 -27.60 -1.34
N TRP A 102 -19.21 -27.89 -2.64
CA TRP A 102 -20.38 -27.51 -3.41
C TRP A 102 -21.49 -28.54 -3.20
N TYR A 103 -22.28 -28.34 -2.15
CA TYR A 103 -23.46 -29.15 -1.89
C TYR A 103 -24.73 -28.51 -2.42
N PHE A 104 -24.62 -27.63 -3.42
CA PHE A 104 -25.78 -26.93 -3.95
C PHE A 104 -26.48 -27.73 -5.04
N GLY A 105 -25.73 -28.23 -6.00
CA GLY A 105 -26.31 -29.08 -7.02
C GLY A 105 -25.73 -28.76 -8.39
N ASN A 106 -26.16 -29.54 -9.38
CA ASN A 106 -25.71 -29.33 -10.75
C ASN A 106 -26.35 -28.08 -11.36
N PHE A 107 -27.61 -27.81 -10.99
CA PHE A 107 -28.32 -26.66 -11.52
C PHE A 107 -27.67 -25.36 -11.04
N LEU A 108 -27.34 -25.29 -9.75
CA LEU A 108 -26.73 -24.08 -9.20
C LEU A 108 -25.31 -23.88 -9.72
N CYS A 109 -24.57 -24.99 -9.90
CA CYS A 109 -23.22 -24.91 -10.46
C CYS A 109 -23.25 -24.40 -11.90
N LYS A 110 -24.16 -24.94 -12.71
CA LYS A 110 -24.32 -24.49 -14.08
C LYS A 110 -24.77 -23.03 -14.15
N ALA A 111 -25.70 -22.64 -13.26
CA ALA A 111 -26.21 -21.27 -13.27
C ALA A 111 -25.16 -20.26 -12.85
N VAL A 112 -24.39 -20.59 -11.79
CA VAL A 112 -23.32 -19.70 -11.32
C VAL A 112 -22.26 -19.54 -12.40
N HIS A 113 -21.88 -20.64 -13.06
CA HIS A 113 -20.88 -20.56 -14.12
C HIS A 113 -21.38 -19.79 -15.33
N VAL A 114 -22.65 -20.02 -15.74
CA VAL A 114 -23.15 -19.38 -16.95
C VAL A 114 -23.35 -17.88 -16.73
N ILE A 115 -23.76 -17.45 -15.54
CA ILE A 115 -23.90 -16.01 -15.37
C ILE A 115 -22.58 -15.34 -15.02
N TYR A 116 -21.60 -16.06 -14.47
CA TYR A 116 -20.25 -15.50 -14.36
C TYR A 116 -19.65 -15.28 -15.73
N THR A 117 -19.82 -16.24 -16.65
CA THR A 117 -19.31 -16.09 -18.01
C THR A 117 -20.02 -14.96 -18.76
N VAL A 118 -21.36 -14.87 -18.64
CA VAL A 118 -22.06 -13.83 -19.39
C VAL A 118 -21.78 -12.45 -18.80
N ASN A 119 -21.52 -12.35 -17.49
CA ASN A 119 -21.13 -11.06 -16.93
C ASN A 119 -19.72 -10.66 -17.37
N LEU A 120 -18.79 -11.62 -17.37
CA LEU A 120 -17.41 -11.33 -17.72
C LEU A 120 -17.26 -10.97 -19.20
N TYR A 121 -18.13 -11.51 -20.07
CA TYR A 121 -18.08 -11.08 -21.47
C TYR A 121 -18.90 -9.82 -21.71
N SER A 122 -20.02 -9.66 -21.01
CA SER A 122 -20.89 -8.50 -21.22
C SER A 122 -20.23 -7.21 -20.75
N SER A 123 -19.49 -7.26 -19.64
CA SER A 123 -18.80 -6.05 -19.16
C SER A 123 -17.73 -5.59 -20.15
N VAL A 124 -17.00 -6.55 -20.72
CA VAL A 124 -15.99 -6.25 -21.74
C VAL A 124 -16.63 -5.63 -22.98
N LEU A 125 -17.76 -6.20 -23.42
CA LEU A 125 -18.40 -5.68 -24.62
C LEU A 125 -19.05 -4.31 -24.38
N ILE A 126 -19.57 -4.06 -23.18
CA ILE A 126 -20.04 -2.72 -22.80
C ILE A 126 -18.90 -1.72 -22.79
N LEU A 127 -17.72 -2.10 -22.28
CA LEU A 127 -16.61 -1.15 -22.27
C LEU A 127 -16.11 -0.86 -23.69
N ALA A 128 -16.14 -1.86 -24.56
CA ALA A 128 -15.84 -1.63 -25.98
C ALA A 128 -16.87 -0.70 -26.62
N PHE A 129 -18.15 -0.85 -26.27
CA PHE A 129 -19.17 0.06 -26.79
C PHE A 129 -19.05 1.46 -26.22
N ILE A 130 -18.56 1.59 -24.98
CA ILE A 130 -18.31 2.90 -24.38
C ILE A 130 -17.22 3.62 -25.14
N SER A 131 -16.13 2.90 -25.45
CA SER A 131 -15.05 3.48 -26.24
C SER A 131 -15.50 3.81 -27.66
N LEU A 132 -16.37 2.98 -28.24
CA LEU A 132 -16.90 3.25 -29.57
C LEU A 132 -17.80 4.49 -29.58
N ASP A 133 -18.63 4.66 -28.54
CA ASP A 133 -19.48 5.84 -28.44
C ASP A 133 -18.63 7.09 -28.25
N ARG A 134 -17.57 7.00 -27.45
CA ARG A 134 -16.68 8.15 -27.26
C ARG A 134 -15.95 8.50 -28.56
N TYR A 135 -15.56 7.49 -29.33
CA TYR A 135 -14.95 7.75 -30.64
C TYR A 135 -15.94 8.38 -31.60
N LEU A 136 -17.20 7.94 -31.59
CA LEU A 136 -18.20 8.52 -32.47
C LEU A 136 -18.59 9.92 -32.03
N ALA A 137 -18.45 10.25 -30.74
CA ALA A 137 -18.82 11.57 -30.26
C ALA A 137 -17.68 12.57 -30.43
N ILE A 138 -16.44 12.13 -30.26
CA ILE A 138 -15.31 13.05 -30.30
C ILE A 138 -14.82 13.28 -31.73
N VAL A 139 -14.66 12.20 -32.50
CA VAL A 139 -14.09 12.34 -33.84
C VAL A 139 -15.16 12.84 -34.81
N HIS A 140 -16.34 12.23 -34.80
CA HIS A 140 -17.46 12.68 -35.61
C HIS A 140 -18.38 13.55 -34.76
N ALA A 141 -17.89 14.74 -34.44
CA ALA A 141 -18.63 15.63 -33.55
C ALA A 141 -19.85 16.23 -34.23
N THR A 142 -19.77 16.51 -35.53
CA THR A 142 -20.87 17.18 -36.21
C THR A 142 -21.96 16.20 -36.64
N ASN A 143 -21.62 15.27 -37.53
CA ASN A 143 -22.61 14.41 -38.17
C ASN A 143 -22.75 13.07 -37.45
N SER A 144 -22.97 13.08 -36.14
CA SER A 144 -23.26 11.84 -35.41
C SER A 144 -24.16 12.19 -34.22
N GLN A 145 -25.45 12.13 -34.44
CA GLN A 145 -26.46 12.14 -33.39
C GLN A 145 -27.44 10.99 -33.53
N ARG A 146 -27.81 10.65 -34.77
CA ARG A 146 -28.56 9.41 -35.02
C ARG A 146 -27.80 8.14 -34.67
N PRO A 147 -26.54 7.89 -35.13
CA PRO A 147 -25.95 6.58 -34.82
C PRO A 147 -25.49 6.43 -33.38
N ARG A 148 -25.22 7.54 -32.67
CA ARG A 148 -24.95 7.46 -31.24
C ARG A 148 -26.19 6.99 -30.48
N LYS A 149 -27.35 7.53 -30.82
CA LYS A 149 -28.60 7.08 -30.21
C LYS A 149 -28.93 5.66 -30.62
N LEU A 150 -28.64 5.30 -31.88
CA LEU A 150 -28.89 3.94 -32.35
C LEU A 150 -28.03 2.92 -31.60
N LEU A 151 -26.75 3.26 -31.39
CA LEU A 151 -25.89 2.45 -30.53
C LEU A 151 -26.35 2.44 -29.09
N ALA A 152 -27.01 3.50 -28.64
CA ALA A 152 -27.49 3.55 -27.26
C ALA A 152 -28.69 2.65 -27.04
N GLU A 153 -29.65 2.63 -27.97
CA GLU A 153 -30.85 1.82 -27.74
C GLU A 153 -30.83 0.46 -28.44
N LYS A 154 -30.68 0.42 -29.77
CA LYS A 154 -31.10 -0.82 -30.42
C LYS A 154 -29.99 -1.87 -30.56
N VAL A 155 -28.86 -1.53 -31.18
CA VAL A 155 -27.89 -2.55 -31.55
C VAL A 155 -27.02 -2.98 -30.37
N VAL A 156 -27.10 -2.27 -29.24
CA VAL A 156 -26.31 -2.62 -28.05
C VAL A 156 -26.71 -3.98 -27.51
N TYR A 157 -28.00 -4.30 -27.53
CA TYR A 157 -28.47 -5.62 -27.09
C TYR A 157 -27.94 -6.73 -28.00
N VAL A 158 -28.15 -6.59 -29.31
CA VAL A 158 -27.76 -7.62 -30.27
C VAL A 158 -26.26 -7.69 -30.50
N GLY A 159 -25.50 -6.71 -30.00
CA GLY A 159 -24.06 -6.76 -30.13
C GLY A 159 -23.32 -6.99 -28.83
N VAL A 160 -24.03 -6.95 -27.70
CA VAL A 160 -23.35 -7.16 -26.43
C VAL A 160 -23.91 -8.42 -25.79
N TRP A 161 -25.25 -8.49 -25.62
CA TRP A 161 -25.82 -9.58 -24.85
C TRP A 161 -25.97 -10.83 -25.69
N ILE A 162 -26.51 -10.69 -26.91
CA ILE A 162 -26.74 -11.86 -27.78
C ILE A 162 -25.45 -12.60 -28.14
N PRO A 163 -24.32 -11.95 -28.49
CA PRO A 163 -23.06 -12.71 -28.54
C PRO A 163 -22.62 -13.29 -27.20
N ALA A 164 -22.94 -12.62 -26.08
CA ALA A 164 -22.55 -13.16 -24.78
C ALA A 164 -23.42 -14.35 -24.38
N LEU A 165 -24.72 -14.31 -24.69
CA LEU A 165 -25.56 -15.48 -24.44
C LEU A 165 -25.26 -16.63 -25.39
N LEU A 166 -24.91 -16.35 -26.64
CA LEU A 166 -24.57 -17.47 -27.52
C LEU A 166 -23.13 -17.93 -27.33
N LEU A 167 -22.30 -17.18 -26.63
CA LEU A 167 -20.91 -17.55 -26.39
C LEU A 167 -20.74 -18.29 -25.06
N THR A 168 -21.83 -18.54 -24.34
CA THR A 168 -21.75 -19.22 -23.05
C THR A 168 -22.53 -20.53 -23.03
N ILE A 169 -23.04 -20.98 -24.17
CA ILE A 169 -23.61 -22.33 -24.25
C ILE A 169 -22.56 -23.45 -24.16
N PRO A 170 -21.27 -23.29 -24.55
CA PRO A 170 -20.31 -24.31 -24.11
C PRO A 170 -20.00 -24.24 -22.63
N ASP A 171 -20.18 -23.09 -21.99
CA ASP A 171 -20.18 -23.04 -20.54
C ASP A 171 -21.40 -23.72 -19.95
N PHE A 172 -22.54 -23.67 -20.66
CA PHE A 172 -23.74 -24.35 -20.19
C PHE A 172 -23.61 -25.86 -20.30
N ILE A 173 -22.96 -26.35 -21.35
CA ILE A 173 -22.88 -27.79 -21.57
C ILE A 173 -21.78 -28.42 -20.71
N PHE A 174 -20.58 -27.84 -20.73
CA PHE A 174 -19.41 -28.52 -20.20
C PHE A 174 -19.29 -28.42 -18.68
N ALA A 175 -19.81 -27.36 -18.07
CA ALA A 175 -19.62 -27.16 -16.63
C ALA A 175 -20.49 -28.13 -15.82
N ASN A 176 -19.86 -28.79 -14.85
CA ASN A 176 -20.52 -29.81 -14.05
C ASN A 176 -19.91 -29.82 -12.66
N VAL A 177 -20.58 -30.51 -11.75
CA VAL A 177 -20.07 -30.74 -10.40
C VAL A 177 -19.53 -32.17 -10.33
N SER A 178 -18.30 -32.30 -9.84
CA SER A 178 -17.64 -33.60 -9.78
C SER A 178 -18.19 -34.44 -8.64
N GLU A 179 -18.10 -35.76 -8.80
CA GLU A 179 -18.50 -36.72 -7.78
C GLU A 179 -17.29 -37.36 -7.12
N ALA A 180 -16.17 -36.63 -7.07
CA ALA A 180 -15.01 -37.07 -6.30
C ALA A 180 -15.33 -37.07 -4.82
N ASP A 181 -14.69 -37.98 -4.08
CA ASP A 181 -15.02 -38.14 -2.66
C ASP A 181 -14.50 -36.98 -1.83
N ASP A 182 -13.56 -36.21 -2.36
CA ASP A 182 -13.04 -35.04 -1.67
C ASP A 182 -13.47 -33.76 -2.38
N ARG A 183 -14.00 -32.81 -1.60
CA ARG A 183 -14.14 -31.39 -1.91
C ARG A 183 -15.28 -31.07 -2.90
N TYR A 184 -15.83 -32.08 -3.59
CA TYR A 184 -16.97 -31.98 -4.51
C TYR A 184 -16.92 -30.80 -5.48
N ILE A 185 -15.90 -30.74 -6.33
CA ILE A 185 -15.54 -29.51 -7.02
C ILE A 185 -16.53 -29.19 -8.13
N CYS A 186 -17.00 -27.95 -8.16
CA CYS A 186 -17.78 -27.40 -9.27
C CYS A 186 -16.86 -26.59 -10.16
N ASP A 187 -16.68 -27.03 -11.41
CA ASP A 187 -15.79 -26.36 -12.34
C ASP A 187 -16.19 -26.71 -13.77
N ARG A 188 -15.67 -25.93 -14.71
CA ARG A 188 -15.83 -26.22 -16.13
C ARG A 188 -15.05 -27.48 -16.47
N PHE A 189 -15.75 -28.60 -16.66
CA PHE A 189 -15.09 -29.89 -16.86
C PHE A 189 -15.06 -30.23 -18.34
N TYR A 190 -13.87 -30.52 -18.84
CA TYR A 190 -13.56 -30.79 -20.24
C TYR A 190 -13.09 -32.23 -20.42
N PRO A 191 -13.28 -32.82 -21.63
CA PRO A 191 -12.85 -34.22 -21.85
C PRO A 191 -11.35 -34.42 -21.79
N ASN A 192 -10.58 -33.61 -22.51
CA ASN A 192 -9.12 -33.73 -22.52
C ASN A 192 -8.50 -32.38 -22.18
N ASP A 193 -7.17 -32.36 -22.13
CA ASP A 193 -6.44 -31.14 -21.76
C ASP A 193 -6.33 -30.13 -22.90
N LEU A 194 -6.60 -30.54 -24.14
CA LEU A 194 -6.56 -29.58 -25.24
C LEU A 194 -7.76 -28.66 -25.23
N TRP A 195 -8.90 -29.16 -24.76
CA TRP A 195 -10.11 -28.33 -24.68
C TRP A 195 -9.94 -27.18 -23.69
N VAL A 196 -9.25 -27.45 -22.57
CA VAL A 196 -8.91 -26.41 -21.61
C VAL A 196 -8.04 -25.35 -22.26
N VAL A 197 -7.11 -25.77 -23.12
CA VAL A 197 -6.19 -24.85 -23.77
C VAL A 197 -6.92 -23.95 -24.77
N VAL A 198 -7.77 -24.54 -25.60
CA VAL A 198 -8.45 -23.71 -26.62
C VAL A 198 -9.48 -22.81 -25.96
N PHE A 199 -10.11 -23.28 -24.87
CA PHE A 199 -11.07 -22.43 -24.18
C PHE A 199 -10.38 -21.30 -23.41
N GLN A 200 -9.21 -21.55 -22.84
CA GLN A 200 -8.47 -20.47 -22.18
C GLN A 200 -7.93 -19.47 -23.20
N PHE A 201 -7.52 -19.94 -24.38
CA PHE A 201 -7.05 -19.03 -25.42
C PHE A 201 -8.20 -18.20 -25.99
N GLN A 202 -9.38 -18.80 -26.13
CA GLN A 202 -10.55 -18.04 -26.57
C GLN A 202 -10.98 -17.06 -25.49
N HIS A 203 -10.84 -17.45 -24.21
CA HIS A 203 -11.10 -16.57 -23.08
C HIS A 203 -10.19 -15.34 -23.12
N ILE A 204 -8.90 -15.56 -23.38
CA ILE A 204 -7.96 -14.43 -23.48
C ILE A 204 -8.28 -13.57 -24.70
N MET A 205 -8.53 -14.20 -25.85
CA MET A 205 -8.76 -13.46 -27.09
C MET A 205 -10.09 -12.73 -27.12
N VAL A 206 -11.04 -13.12 -26.28
CA VAL A 206 -12.32 -12.42 -26.17
C VAL A 206 -12.31 -11.39 -25.06
N GLY A 207 -11.61 -11.66 -23.95
CA GLY A 207 -11.59 -10.72 -22.85
C GLY A 207 -10.55 -9.62 -22.92
N LEU A 208 -9.39 -9.87 -23.51
CA LEU A 208 -8.29 -8.92 -23.42
C LEU A 208 -7.78 -8.45 -24.78
N ILE A 209 -7.55 -9.36 -25.72
CA ILE A 209 -6.75 -9.04 -26.91
C ILE A 209 -7.57 -8.22 -27.91
N LEU A 210 -8.65 -8.79 -28.44
CA LEU A 210 -9.46 -8.08 -29.42
C LEU A 210 -10.17 -6.83 -28.87
N PRO A 211 -10.86 -6.86 -27.71
CA PRO A 211 -11.43 -5.59 -27.21
C PRO A 211 -10.37 -4.61 -26.76
N GLY A 212 -9.21 -5.09 -26.29
CA GLY A 212 -8.11 -4.18 -25.99
C GLY A 212 -7.58 -3.51 -27.23
N ILE A 213 -7.49 -4.24 -28.34
CA ILE A 213 -7.06 -3.67 -29.61
C ILE A 213 -8.07 -2.64 -30.10
N VAL A 214 -9.36 -2.95 -29.99
CA VAL A 214 -10.42 -2.02 -30.42
C VAL A 214 -10.40 -0.75 -29.58
N ILE A 215 -10.29 -0.90 -28.25
CA ILE A 215 -10.30 0.23 -27.34
C ILE A 215 -9.06 1.09 -27.52
N LEU A 216 -7.89 0.46 -27.70
CA LEU A 216 -6.65 1.19 -27.90
C LEU A 216 -6.65 1.96 -29.22
N SER A 217 -7.13 1.33 -30.30
CA SER A 217 -7.20 2.01 -31.59
C SER A 217 -8.18 3.18 -31.55
N CYS A 218 -9.34 2.97 -30.92
CA CYS A 218 -10.34 4.05 -30.82
C CYS A 218 -9.82 5.22 -29.99
N TYR A 219 -9.16 4.94 -28.87
CA TYR A 219 -8.66 6.03 -28.04
C TYR A 219 -7.44 6.71 -28.66
N CYS A 220 -6.65 5.98 -29.45
CA CYS A 220 -5.57 6.61 -30.21
C CYS A 220 -6.13 7.60 -31.24
N ILE A 221 -7.22 7.21 -31.93
CA ILE A 221 -7.86 8.14 -32.85
C ILE A 221 -8.50 9.32 -32.11
N ILE A 222 -9.03 9.07 -30.90
CA ILE A 222 -9.60 10.14 -30.07
C ILE A 222 -8.55 11.19 -29.72
N ILE A 223 -7.40 10.75 -29.21
CA ILE A 223 -6.38 11.73 -28.82
C ILE A 223 -5.73 12.37 -30.04
N SER A 224 -5.60 11.62 -31.15
CA SER A 224 -5.03 12.19 -32.38
C SER A 224 -5.94 13.25 -32.99
N LYS A 225 -7.26 13.10 -32.86
CA LYS A 225 -8.18 14.13 -33.34
C LYS A 225 -8.49 15.19 -32.29
N LEU A 226 -8.15 14.96 -31.03
CA LEU A 226 -8.36 15.96 -29.99
C LEU A 226 -7.17 16.90 -29.87
N SER A 227 -5.96 16.43 -30.19
CA SER A 227 -4.79 17.31 -30.21
C SER A 227 -4.85 18.32 -31.33
N HIS A 228 -5.61 18.03 -32.40
CA HIS A 228 -5.88 19.01 -33.45
C HIS A 228 -6.88 20.07 -33.03
N SER A 229 -7.59 19.87 -31.92
CA SER A 229 -8.61 20.80 -31.47
C SER A 229 -8.27 21.36 -30.09
N LYS A 230 -7.01 21.77 -29.89
CA LYS A 230 -6.58 22.30 -28.61
C LYS A 230 -7.05 23.74 -28.37
N GLY A 231 -7.60 24.40 -29.38
CA GLY A 231 -8.06 25.77 -29.22
C GLY A 231 -9.30 25.92 -28.37
N HIS A 232 -10.11 24.87 -28.25
CA HIS A 232 -11.29 24.87 -27.38
C HIS A 232 -11.23 23.67 -26.46
N GLN A 233 -11.46 23.91 -25.17
CA GLN A 233 -11.48 22.87 -24.14
C GLN A 233 -12.74 23.02 -23.32
N LYS A 234 -13.77 22.23 -23.65
CA LYS A 234 -15.03 22.31 -22.93
C LYS A 234 -15.43 20.98 -22.32
N ARG A 235 -15.16 19.87 -23.01
CA ARG A 235 -15.64 18.57 -22.59
C ARG A 235 -14.55 17.80 -21.83
N LYS A 236 -14.95 17.18 -20.72
CA LYS A 236 -14.10 16.26 -19.98
C LYS A 236 -14.92 15.06 -19.51
N ALA A 237 -15.75 14.53 -20.40
CA ALA A 237 -16.38 13.24 -20.18
C ALA A 237 -15.51 12.08 -20.59
N LEU A 238 -14.34 12.37 -21.19
CA LEU A 238 -13.40 11.32 -21.55
C LEU A 238 -12.68 10.74 -20.34
N LYS A 239 -12.51 11.55 -19.29
CA LYS A 239 -11.72 11.15 -18.14
C LYS A 239 -12.38 10.01 -17.35
N THR A 240 -13.71 10.06 -17.22
CA THR A 240 -14.44 9.02 -16.50
C THR A 240 -14.34 7.68 -17.20
N THR A 241 -14.56 7.66 -18.52
CA THR A 241 -14.47 6.42 -19.27
C THR A 241 -13.03 5.90 -19.35
N VAL A 242 -12.06 6.81 -19.45
CA VAL A 242 -10.65 6.40 -19.46
C VAL A 242 -10.26 5.77 -18.13
N ILE A 243 -10.69 6.37 -17.02
CA ILE A 243 -10.40 5.84 -15.69
C ILE A 243 -11.07 4.48 -15.49
N LEU A 244 -12.32 4.34 -15.95
CA LEU A 244 -13.06 3.08 -15.81
C LEU A 244 -12.40 1.97 -16.62
N ILE A 245 -12.04 2.26 -17.88
CA ILE A 245 -11.42 1.26 -18.74
C ILE A 245 -10.03 0.87 -18.24
N LEU A 246 -9.23 1.87 -17.82
CA LEU A 246 -7.90 1.59 -17.29
C LEU A 246 -7.95 0.80 -15.99
N ALA A 247 -8.89 1.11 -15.11
CA ALA A 247 -9.02 0.37 -13.86
C ALA A 247 -9.51 -1.05 -14.10
N PHE A 248 -10.42 -1.23 -15.07
CA PHE A 248 -10.88 -2.57 -15.43
C PHE A 248 -9.75 -3.43 -15.98
N PHE A 249 -8.96 -2.88 -16.90
CA PHE A 249 -7.89 -3.66 -17.50
C PHE A 249 -6.74 -3.88 -16.53
N ALA A 250 -6.46 -2.91 -15.65
CA ALA A 250 -5.44 -3.12 -14.62
C ALA A 250 -5.89 -4.14 -13.58
N CYS A 251 -7.19 -4.25 -13.35
CA CYS A 251 -7.68 -5.30 -12.45
C CYS A 251 -7.60 -6.67 -13.11
N TRP A 252 -7.95 -6.77 -14.38
CA TRP A 252 -8.08 -8.07 -15.03
C TRP A 252 -6.80 -8.56 -15.70
N LEU A 253 -5.76 -7.72 -15.78
CA LEU A 253 -4.53 -8.12 -16.47
C LEU A 253 -3.76 -9.28 -15.82
N PRO A 254 -3.46 -9.31 -14.50
CA PRO A 254 -2.62 -10.42 -14.00
C PRO A 254 -3.35 -11.76 -13.97
N TYR A 255 -4.68 -11.78 -13.95
CA TYR A 255 -5.39 -13.04 -14.11
C TYR A 255 -5.22 -13.58 -15.52
N TYR A 256 -5.23 -12.70 -16.52
CA TYR A 256 -5.00 -13.13 -17.90
C TYR A 256 -3.56 -13.59 -18.08
N ILE A 257 -2.61 -12.96 -17.39
CA ILE A 257 -1.22 -13.41 -17.41
C ILE A 257 -1.10 -14.80 -16.78
N GLY A 258 -1.78 -15.01 -15.66
CA GLY A 258 -1.75 -16.30 -14.99
C GLY A 258 -2.37 -17.42 -15.80
N ILE A 259 -3.52 -17.15 -16.45
CA ILE A 259 -4.12 -18.20 -17.25
C ILE A 259 -3.38 -18.41 -18.56
N SER A 260 -2.69 -17.39 -19.08
CA SER A 260 -1.82 -17.60 -20.24
C SER A 260 -0.62 -18.47 -19.89
N ILE A 261 -0.05 -18.25 -18.71
CA ILE A 261 1.08 -19.07 -18.26
C ILE A 261 0.62 -20.50 -17.98
N ASP A 262 -0.58 -20.66 -17.42
CA ASP A 262 -1.14 -22.00 -17.22
C ASP A 262 -1.43 -22.72 -18.54
N SER A 263 -1.95 -21.98 -19.52
CA SER A 263 -2.22 -22.57 -20.84
C SER A 263 -0.94 -22.98 -21.54
N PHE A 264 0.11 -22.18 -21.43
CA PHE A 264 1.38 -22.57 -22.02
C PHE A 264 2.08 -23.65 -21.21
N ILE A 265 1.75 -23.80 -19.92
CA ILE A 265 2.19 -24.95 -19.15
C ILE A 265 1.56 -26.23 -19.69
N LEU A 266 0.26 -26.16 -20.02
CA LEU A 266 -0.48 -27.34 -20.48
C LEU A 266 -0.08 -27.80 -21.87
N LEU A 267 0.72 -27.02 -22.60
CA LEU A 267 1.26 -27.44 -23.89
C LEU A 267 2.55 -28.24 -23.76
N GLU A 268 2.98 -28.53 -22.52
CA GLU A 268 4.29 -29.11 -22.20
C GLU A 268 5.44 -28.29 -22.76
N ILE A 269 5.30 -26.97 -22.77
CA ILE A 269 6.39 -26.07 -23.13
C ILE A 269 7.19 -25.67 -21.90
N ILE A 270 6.50 -25.26 -20.85
CA ILE A 270 7.16 -24.86 -19.60
C ILE A 270 7.23 -26.11 -18.71
N LYS A 271 8.28 -26.89 -18.89
CA LYS A 271 8.50 -28.10 -18.08
C LYS A 271 9.38 -27.79 -16.87
N GLN A 272 8.91 -26.87 -16.02
CA GLN A 272 9.70 -26.42 -14.88
C GLN A 272 9.20 -26.97 -13.54
N GLY A 273 8.44 -28.05 -13.55
CA GLY A 273 8.10 -28.76 -12.33
C GLY A 273 6.64 -28.61 -11.95
N CYS A 274 6.22 -29.48 -11.03
CA CYS A 274 4.87 -29.45 -10.50
C CYS A 274 4.65 -28.30 -9.53
N GLU A 275 5.69 -27.87 -8.83
CA GLU A 275 5.58 -26.75 -7.88
C GLU A 275 5.27 -25.44 -8.60
N PHE A 276 5.78 -25.28 -9.82
CA PHE A 276 5.38 -24.14 -10.64
C PHE A 276 3.91 -24.21 -11.01
N GLU A 277 3.41 -25.40 -11.33
CA GLU A 277 2.00 -25.57 -11.66
C GLU A 277 1.09 -25.47 -10.44
N ASN A 278 1.64 -25.57 -9.24
CA ASN A 278 0.91 -25.27 -8.01
C ASN A 278 0.90 -23.78 -7.68
N THR A 279 2.05 -23.12 -7.86
CA THR A 279 2.15 -21.68 -7.65
C THR A 279 1.26 -20.92 -8.64
N VAL A 280 1.21 -21.40 -9.89
CA VAL A 280 0.35 -20.79 -10.91
C VAL A 280 -1.12 -20.93 -10.54
N HIS A 281 -1.52 -22.12 -10.07
CA HIS A 281 -2.92 -22.32 -9.70
C HIS A 281 -3.32 -21.59 -8.42
N LYS A 282 -2.38 -21.33 -7.50
CA LYS A 282 -2.66 -20.43 -6.39
C LYS A 282 -2.78 -18.97 -6.84
N TRP A 283 -1.88 -18.56 -7.75
CA TRP A 283 -1.87 -17.19 -8.27
C TRP A 283 -3.14 -16.88 -9.04
N ILE A 284 -3.63 -17.85 -9.81
CA ILE A 284 -4.84 -17.69 -10.62
C ILE A 284 -6.05 -17.48 -9.74
N SER A 285 -6.16 -18.26 -8.66
CA SER A 285 -7.31 -18.13 -7.75
C SER A 285 -7.27 -16.82 -6.97
N ILE A 286 -6.10 -16.47 -6.42
CA ILE A 286 -5.97 -15.23 -5.65
C ILE A 286 -6.18 -14.01 -6.54
N THR A 287 -5.64 -14.06 -7.76
CA THR A 287 -5.76 -12.94 -8.67
C THR A 287 -7.17 -12.85 -9.27
N GLU A 288 -7.87 -13.97 -9.41
CA GLU A 288 -9.27 -13.92 -9.82
C GLU A 288 -10.15 -13.31 -8.74
N ALA A 289 -9.86 -13.63 -7.46
CA ALA A 289 -10.57 -12.98 -6.37
C ALA A 289 -10.27 -11.48 -6.32
N LEU A 290 -9.02 -11.09 -6.57
CA LEU A 290 -8.68 -9.68 -6.58
C LEU A 290 -9.17 -8.97 -7.84
N ALA A 291 -9.40 -9.69 -8.93
CA ALA A 291 -9.89 -9.15 -10.18
C ALA A 291 -11.41 -9.14 -10.25
N PHE A 292 -12.08 -9.75 -9.29
CA PHE A 292 -13.51 -9.53 -9.12
C PHE A 292 -13.83 -8.13 -8.59
N PHE A 293 -12.82 -7.35 -8.18
CA PHE A 293 -12.96 -5.99 -7.65
C PHE A 293 -13.40 -4.97 -8.68
N HIS A 294 -13.64 -5.36 -9.94
CA HIS A 294 -14.26 -4.46 -10.91
C HIS A 294 -15.76 -4.34 -10.70
N CYS A 295 -16.33 -5.08 -9.75
CA CYS A 295 -17.72 -4.88 -9.35
C CYS A 295 -17.91 -3.52 -8.69
N CYS A 296 -16.94 -3.07 -7.91
CA CYS A 296 -16.96 -1.72 -7.35
C CYS A 296 -16.11 -0.77 -8.18
N LEU A 297 -16.41 -0.72 -9.48
CA LEU A 297 -15.73 0.21 -10.37
C LEU A 297 -16.67 1.20 -11.01
N ASN A 298 -17.79 0.73 -11.57
CA ASN A 298 -18.82 1.65 -12.06
C ASN A 298 -19.47 2.48 -10.95
N PRO A 299 -19.98 1.92 -9.83
CA PRO A 299 -20.61 2.81 -8.84
C PRO A 299 -19.62 3.59 -7.99
N ILE A 300 -18.39 3.13 -7.82
CA ILE A 300 -17.38 3.92 -7.13
C ILE A 300 -17.03 5.16 -7.96
N LEU A 301 -16.89 4.98 -9.28
CA LEU A 301 -16.71 6.13 -10.16
C LEU A 301 -17.96 6.99 -10.27
N TYR A 302 -19.15 6.42 -10.03
CA TYR A 302 -20.35 7.23 -9.99
C TYR A 302 -20.41 8.08 -8.72
N ALA A 303 -19.96 7.53 -7.60
CA ALA A 303 -19.97 8.27 -6.35
C ALA A 303 -18.87 9.33 -6.30
N PHE A 304 -17.68 9.00 -6.79
CA PHE A 304 -16.57 9.93 -6.75
C PHE A 304 -16.68 11.04 -7.78
N LEU A 305 -17.48 10.83 -8.83
CA LEU A 305 -17.54 11.68 -10.03
C LEU A 305 -16.17 11.88 -10.64
N GLY A 306 -15.36 10.82 -10.66
CA GLY A 306 -13.99 10.90 -11.13
C GLY A 306 -13.87 10.63 -12.61
N LYS B 25 34.34 -20.71 -2.04
CA LYS B 25 34.16 -19.62 -3.00
C LYS B 25 33.41 -20.10 -4.26
N GLU B 26 32.79 -21.27 -4.16
CA GLU B 26 32.04 -21.88 -5.26
C GLU B 26 30.61 -22.18 -4.80
N PRO B 27 29.71 -21.18 -4.76
CA PRO B 27 28.32 -21.43 -4.33
C PRO B 27 27.54 -22.30 -5.29
N CYS B 28 27.42 -21.86 -6.54
CA CYS B 28 26.86 -22.58 -7.68
C CYS B 28 25.47 -23.17 -7.44
N PHE B 29 24.62 -22.46 -6.71
CA PHE B 29 23.26 -22.92 -6.41
C PHE B 29 22.28 -21.78 -6.60
N ARG B 30 22.55 -20.94 -7.59
CA ARG B 30 21.77 -19.72 -7.85
C ARG B 30 20.71 -19.98 -8.91
N GLU B 31 19.76 -20.86 -8.62
CA GLU B 31 18.78 -21.26 -9.61
C GLU B 31 17.38 -21.35 -8.98
N GLU B 32 16.41 -21.71 -9.83
CA GLU B 32 15.01 -22.11 -9.56
C GLU B 32 14.12 -20.94 -9.16
N ASN B 33 14.71 -19.79 -8.80
CA ASN B 33 14.07 -18.48 -8.63
C ASN B 33 12.86 -18.46 -7.69
N ALA B 34 12.63 -19.52 -6.90
CA ALA B 34 11.55 -19.72 -5.93
C ALA B 34 10.13 -19.69 -6.50
N ASN B 35 9.97 -19.54 -7.82
CA ASN B 35 8.75 -19.66 -8.64
C ASN B 35 7.73 -18.56 -8.42
N PHE B 36 7.85 -17.79 -7.33
CA PHE B 36 7.02 -16.60 -7.19
C PHE B 36 7.62 -15.48 -8.04
N ASN B 37 8.93 -15.48 -8.18
CA ASN B 37 9.56 -14.62 -9.17
C ASN B 37 9.16 -15.06 -10.58
N LYS B 38 9.10 -16.37 -10.82
CA LYS B 38 8.69 -16.84 -12.14
C LYS B 38 7.22 -16.56 -12.45
N ILE B 39 6.39 -16.26 -11.45
CA ILE B 39 5.06 -15.72 -11.70
C ILE B 39 4.99 -14.19 -11.62
N PHE B 40 6.00 -13.53 -11.04
CA PHE B 40 5.91 -12.09 -10.78
C PHE B 40 6.72 -11.23 -11.75
N LEU B 41 7.88 -11.70 -12.22
CA LEU B 41 8.51 -11.10 -13.40
C LEU B 41 7.61 -10.97 -14.62
N PRO B 42 6.85 -11.98 -15.08
CA PRO B 42 6.09 -11.76 -16.33
C PRO B 42 4.89 -10.85 -16.18
N THR B 43 4.23 -10.85 -15.01
CA THR B 43 3.12 -9.93 -14.78
C THR B 43 3.60 -8.48 -14.77
N ILE B 44 4.70 -8.21 -14.07
CA ILE B 44 5.29 -6.87 -14.00
C ILE B 44 5.78 -6.43 -15.39
N TYR B 45 6.43 -7.36 -16.11
CA TYR B 45 6.95 -7.06 -17.44
C TYR B 45 5.82 -6.77 -18.42
N SER B 46 4.73 -7.54 -18.36
CA SER B 46 3.61 -7.33 -19.27
C SER B 46 2.85 -6.05 -18.95
N ILE B 47 2.69 -5.73 -17.66
CA ILE B 47 2.02 -4.49 -17.26
C ILE B 47 2.82 -3.28 -17.72
N ILE B 48 4.14 -3.30 -17.47
CA ILE B 48 5.00 -2.18 -17.84
C ILE B 48 5.10 -2.07 -19.35
N PHE B 49 5.15 -3.21 -20.06
CA PHE B 49 5.17 -3.20 -21.52
C PHE B 49 3.90 -2.61 -22.11
N LEU B 50 2.74 -2.98 -21.58
CA LEU B 50 1.47 -2.49 -22.11
C LEU B 50 1.32 -1.00 -21.87
N THR B 51 1.52 -0.54 -20.62
CA THR B 51 1.34 0.89 -20.37
C THR B 51 2.46 1.72 -20.97
N GLY B 52 3.65 1.12 -21.16
CA GLY B 52 4.74 1.84 -21.79
C GLY B 52 4.52 2.02 -23.28
N ILE B 53 4.05 0.98 -23.97
CA ILE B 53 3.81 1.12 -25.39
C ILE B 53 2.62 2.04 -25.64
N VAL B 54 1.61 2.02 -24.77
CA VAL B 54 0.47 2.92 -24.92
C VAL B 54 0.89 4.36 -24.68
N GLY B 55 1.57 4.63 -23.57
CA GLY B 55 1.95 5.99 -23.25
C GLY B 55 3.00 6.56 -24.18
N ASN B 56 3.99 5.75 -24.57
CA ASN B 56 5.04 6.24 -25.46
C ASN B 56 4.53 6.42 -26.89
N GLY B 57 3.64 5.54 -27.35
CA GLY B 57 3.02 5.76 -28.65
C GLY B 57 2.14 6.99 -28.67
N LEU B 58 1.42 7.23 -27.57
CA LEU B 58 0.60 8.43 -27.46
C LEU B 58 1.45 9.69 -27.44
N VAL B 59 2.55 9.68 -26.67
CA VAL B 59 3.42 10.85 -26.56
C VAL B 59 4.12 11.13 -27.89
N ILE B 60 4.55 10.08 -28.59
CA ILE B 60 5.17 10.24 -29.91
C ILE B 60 4.17 10.78 -30.92
N LEU B 61 2.96 10.20 -30.95
CA LEU B 61 1.94 10.62 -31.91
C LEU B 61 1.44 12.03 -31.62
N VAL B 62 1.53 12.50 -30.38
CA VAL B 62 1.10 13.86 -30.07
C VAL B 62 2.21 14.86 -30.37
N MET B 63 3.44 14.59 -29.90
CA MET B 63 4.49 15.61 -29.90
C MET B 63 5.62 15.38 -30.90
N GLY B 64 5.47 14.45 -31.84
CA GLY B 64 6.49 14.31 -32.86
C GLY B 64 5.91 14.31 -34.25
N TYR B 65 4.61 14.05 -34.35
CA TYR B 65 3.92 14.04 -35.63
C TYR B 65 3.04 15.26 -35.84
N GLN B 66 2.57 15.89 -34.76
CA GLN B 66 1.69 17.05 -34.85
C GLN B 66 2.32 18.32 -34.29
N LYS B 67 3.58 18.25 -33.84
CA LYS B 67 4.36 19.39 -33.35
C LYS B 67 3.68 20.11 -32.18
N LYS B 68 3.24 19.32 -31.20
CA LYS B 68 2.57 19.86 -30.02
C LYS B 68 3.55 20.38 -28.97
N LEU B 69 4.86 20.19 -29.19
CA LEU B 69 5.86 20.67 -28.25
C LEU B 69 5.89 22.20 -28.22
N ARG B 70 6.01 22.75 -27.01
CA ARG B 70 5.96 24.21 -26.84
C ARG B 70 7.17 24.70 -26.05
N SER B 71 7.74 23.85 -25.20
CA SER B 71 8.85 24.21 -24.34
C SER B 71 10.07 23.39 -24.72
N MET B 72 11.23 23.82 -24.21
CA MET B 72 12.50 23.16 -24.52
C MET B 72 12.67 21.84 -23.77
N THR B 73 11.88 21.61 -22.72
CA THR B 73 11.92 20.33 -22.02
C THR B 73 11.30 19.22 -22.88
N ASP B 74 10.35 19.58 -23.73
CA ASP B 74 9.56 18.59 -24.45
C ASP B 74 10.38 17.85 -25.52
N LYS B 75 11.43 18.47 -26.05
CA LYS B 75 12.29 17.76 -27.00
C LYS B 75 13.06 16.63 -26.32
N TYR B 76 13.63 16.91 -25.14
CA TYR B 76 14.31 15.86 -24.39
C TYR B 76 13.33 14.82 -23.87
N ARG B 77 12.10 15.23 -23.53
CA ARG B 77 11.10 14.25 -23.13
C ARG B 77 10.67 13.38 -24.30
N LEU B 78 10.65 13.94 -25.51
CA LEU B 78 10.42 13.13 -26.71
C LEU B 78 11.55 12.12 -26.93
N HIS B 79 12.80 12.54 -26.70
CA HIS B 79 13.92 11.61 -26.80
C HIS B 79 13.83 10.51 -25.74
N LEU B 80 13.42 10.88 -24.52
CA LEU B 80 13.23 9.91 -23.44
C LEU B 80 12.13 8.91 -23.79
N SER B 81 11.03 9.40 -24.39
CA SER B 81 9.95 8.51 -24.80
C SER B 81 10.36 7.61 -25.96
N VAL B 82 11.22 8.10 -26.86
CA VAL B 82 11.75 7.25 -27.93
C VAL B 82 12.59 6.11 -27.36
N ALA B 83 13.46 6.43 -26.39
CA ALA B 83 14.29 5.40 -25.76
C ALA B 83 13.45 4.41 -24.97
N ASP B 84 12.43 4.90 -24.25
CA ASP B 84 11.57 4.01 -23.48
C ASP B 84 10.71 3.13 -24.38
N LEU B 85 10.25 3.66 -25.52
CA LEU B 85 9.51 2.84 -26.47
C LEU B 85 10.41 1.78 -27.08
N LEU B 86 11.68 2.12 -27.36
CA LEU B 86 12.63 1.14 -27.90
C LEU B 86 12.92 0.03 -26.90
N PHE B 87 12.93 0.35 -25.60
CA PHE B 87 13.10 -0.70 -24.61
C PHE B 87 11.82 -1.53 -24.44
N VAL B 88 10.66 -0.86 -24.45
CA VAL B 88 9.38 -1.52 -24.22
C VAL B 88 9.03 -2.48 -25.36
N ILE B 89 9.50 -2.19 -26.58
CA ILE B 89 9.24 -3.06 -27.74
C ILE B 89 9.81 -4.45 -27.53
N THR B 90 11.02 -4.55 -26.97
CA THR B 90 11.63 -5.85 -26.70
C THR B 90 11.52 -6.28 -25.25
N LEU B 91 10.77 -5.54 -24.43
CA LEU B 91 10.34 -6.09 -23.13
C LEU B 91 9.59 -7.43 -23.16
N PRO B 92 8.72 -7.75 -24.13
CA PRO B 92 8.14 -9.11 -24.15
C PRO B 92 9.16 -10.24 -24.34
N PHE B 93 10.34 -9.96 -24.89
CA PHE B 93 11.41 -10.96 -24.87
C PHE B 93 11.90 -11.21 -23.46
N TRP B 94 11.96 -10.17 -22.63
CA TRP B 94 12.25 -10.33 -21.21
C TRP B 94 11.15 -11.10 -20.50
N ALA B 95 9.89 -10.88 -20.92
CA ALA B 95 8.78 -11.63 -20.33
C ALA B 95 8.85 -13.12 -20.69
N VAL B 96 9.21 -13.44 -21.93
CA VAL B 96 9.36 -14.83 -22.35
C VAL B 96 10.55 -15.48 -21.65
N ASP B 97 11.64 -14.72 -21.47
CA ASP B 97 12.80 -15.19 -20.71
C ASP B 97 12.43 -15.39 -19.23
N ALA B 98 11.45 -14.65 -18.75
CA ALA B 98 10.95 -14.90 -17.40
C ALA B 98 10.12 -16.18 -17.32
N VAL B 99 9.22 -16.41 -18.28
CA VAL B 99 8.35 -17.59 -18.21
C VAL B 99 9.12 -18.83 -18.61
N ALA B 100 9.51 -18.91 -19.88
CA ALA B 100 10.29 -19.98 -20.44
C ALA B 100 11.76 -19.57 -20.46
N ASN B 101 12.58 -20.32 -21.17
CA ASN B 101 13.96 -19.91 -21.42
C ASN B 101 14.09 -19.42 -22.85
N TRP B 102 15.28 -18.93 -23.18
CA TRP B 102 15.48 -18.22 -24.44
C TRP B 102 15.48 -19.19 -25.62
N TYR B 103 14.63 -18.92 -26.61
CA TYR B 103 14.51 -19.74 -27.81
C TYR B 103 14.82 -18.98 -29.09
N PHE B 104 15.06 -17.67 -29.02
CA PHE B 104 15.20 -16.84 -30.22
C PHE B 104 16.60 -16.85 -30.80
N GLY B 105 17.56 -17.44 -30.12
CA GLY B 105 18.91 -17.54 -30.67
C GLY B 105 19.87 -16.50 -30.15
N ASN B 106 20.86 -16.13 -30.97
CA ASN B 106 21.93 -15.24 -30.57
C ASN B 106 21.70 -13.79 -30.96
N PHE B 107 21.20 -13.54 -32.17
CA PHE B 107 21.07 -12.17 -32.66
C PHE B 107 20.00 -11.40 -31.92
N LEU B 108 18.87 -12.05 -31.60
CA LEU B 108 17.82 -11.37 -30.85
C LEU B 108 18.26 -11.10 -29.42
N CYS B 109 19.04 -12.01 -28.83
CA CYS B 109 19.60 -11.79 -27.50
C CYS B 109 20.58 -10.61 -27.49
N LYS B 110 21.43 -10.54 -28.52
CA LYS B 110 22.36 -9.42 -28.65
C LYS B 110 21.62 -8.09 -28.84
N ALA B 111 20.57 -8.08 -29.68
CA ALA B 111 19.81 -6.85 -29.91
C ALA B 111 19.06 -6.40 -28.67
N VAL B 112 18.48 -7.37 -27.92
CA VAL B 112 17.74 -7.06 -26.70
C VAL B 112 18.67 -6.45 -25.66
N HIS B 113 19.84 -7.06 -25.47
CA HIS B 113 20.79 -6.55 -24.48
C HIS B 113 21.39 -5.21 -24.90
N VAL B 114 21.63 -5.03 -26.21
CA VAL B 114 22.22 -3.79 -26.72
C VAL B 114 21.25 -2.62 -26.53
N ILE B 115 19.98 -2.80 -26.91
CA ILE B 115 19.07 -1.67 -26.76
C ILE B 115 18.59 -1.52 -25.32
N TYR B 116 18.67 -2.57 -24.49
CA TYR B 116 18.47 -2.40 -23.05
C TYR B 116 19.54 -1.51 -22.43
N THR B 117 20.81 -1.74 -22.80
CA THR B 117 21.88 -0.87 -22.32
C THR B 117 21.76 0.54 -22.89
N VAL B 118 21.30 0.65 -24.15
CA VAL B 118 21.12 1.95 -24.80
C VAL B 118 20.07 2.78 -24.06
N ASN B 119 18.93 2.16 -23.74
CA ASN B 119 17.89 2.86 -22.99
C ASN B 119 18.35 3.17 -21.57
N LEU B 120 19.06 2.22 -20.94
CA LEU B 120 19.48 2.35 -19.55
C LEU B 120 20.48 3.48 -19.35
N TYR B 121 21.31 3.77 -20.35
CA TYR B 121 22.17 4.94 -20.25
C TYR B 121 21.54 6.20 -20.82
N SER B 122 20.71 6.06 -21.86
CA SER B 122 20.15 7.23 -22.54
C SER B 122 19.12 7.95 -21.68
N SER B 123 18.36 7.23 -20.86
CA SER B 123 17.38 7.88 -20.00
C SER B 123 18.05 8.77 -18.95
N VAL B 124 19.14 8.27 -18.35
CA VAL B 124 19.85 9.05 -17.35
C VAL B 124 20.58 10.24 -17.99
N LEU B 125 21.14 10.04 -19.19
CA LEU B 125 21.78 11.17 -19.86
C LEU B 125 20.77 12.22 -20.32
N ILE B 126 19.57 11.80 -20.72
CA ILE B 126 18.49 12.73 -21.01
C ILE B 126 18.09 13.51 -19.77
N LEU B 127 18.00 12.84 -18.61
CA LEU B 127 17.65 13.53 -17.37
C LEU B 127 18.72 14.54 -16.95
N ALA B 128 20.00 14.19 -17.15
CA ALA B 128 21.08 15.13 -16.89
C ALA B 128 21.00 16.33 -17.83
N PHE B 129 20.65 16.10 -19.10
CA PHE B 129 20.49 17.21 -20.04
C PHE B 129 19.28 18.09 -19.70
N ILE B 130 18.20 17.48 -19.20
CA ILE B 130 17.03 18.24 -18.76
C ILE B 130 17.38 19.13 -17.58
N SER B 131 18.14 18.59 -16.63
CA SER B 131 18.55 19.38 -15.46
C SER B 131 19.52 20.49 -15.85
N LEU B 132 20.41 20.23 -16.81
CA LEU B 132 21.29 21.28 -17.32
C LEU B 132 20.51 22.36 -18.05
N ASP B 133 19.49 21.97 -18.82
CA ASP B 133 18.63 22.93 -19.50
C ASP B 133 17.85 23.78 -18.52
N ARG B 134 17.38 23.17 -17.42
CA ARG B 134 16.67 23.92 -16.39
C ARG B 134 17.59 24.88 -15.67
N TYR B 135 18.84 24.47 -15.43
CA TYR B 135 19.82 25.37 -14.82
C TYR B 135 20.14 26.56 -15.72
N LEU B 136 20.29 26.30 -17.03
CA LEU B 136 20.54 27.39 -17.98
C LEU B 136 19.34 28.30 -18.12
N ALA B 137 18.12 27.76 -18.02
CA ALA B 137 16.93 28.58 -18.14
C ALA B 137 16.65 29.40 -16.89
N ILE B 138 16.97 28.87 -15.70
CA ILE B 138 16.65 29.56 -14.46
C ILE B 138 17.75 30.53 -14.07
N VAL B 139 19.01 30.09 -14.03
CA VAL B 139 20.08 30.94 -13.53
C VAL B 139 20.49 31.97 -14.58
N HIS B 140 20.70 31.52 -15.82
CA HIS B 140 21.03 32.43 -16.91
C HIS B 140 19.77 32.74 -17.72
N ALA B 141 18.84 33.43 -17.06
CA ALA B 141 17.52 33.67 -17.63
C ALA B 141 17.49 34.79 -18.66
N THR B 142 18.59 35.52 -18.84
CA THR B 142 18.60 36.70 -19.71
C THR B 142 19.43 36.50 -20.97
N ASN B 143 20.62 35.90 -20.87
CA ASN B 143 21.54 35.83 -22.00
C ASN B 143 21.69 34.43 -22.59
N SER B 144 20.89 33.47 -22.12
CA SER B 144 21.01 32.09 -22.57
C SER B 144 19.70 31.67 -23.24
N GLN B 145 19.59 31.95 -24.53
CA GLN B 145 18.51 31.44 -25.36
C GLN B 145 19.02 30.69 -26.59
N ARG B 146 20.07 31.21 -27.23
CA ARG B 146 20.76 30.55 -28.32
C ARG B 146 21.64 29.39 -27.83
N PRO B 147 22.35 29.48 -26.68
CA PRO B 147 22.88 28.24 -26.08
C PRO B 147 21.83 27.21 -25.71
N ARG B 148 20.62 27.64 -25.33
CA ARG B 148 19.55 26.68 -25.07
C ARG B 148 19.11 25.96 -26.36
N LYS B 149 19.03 26.70 -27.47
CA LYS B 149 18.68 26.08 -28.75
C LYS B 149 19.80 25.17 -29.24
N LEU B 150 21.06 25.54 -28.99
CA LEU B 150 22.17 24.66 -29.31
C LEU B 150 22.16 23.41 -28.47
N LEU B 151 21.79 23.53 -27.19
CA LEU B 151 21.69 22.38 -26.31
C LEU B 151 20.49 21.51 -26.66
N ALA B 152 19.48 22.07 -27.31
CA ALA B 152 18.27 21.30 -27.64
C ALA B 152 18.27 20.74 -29.05
N GLU B 153 19.11 21.25 -29.96
CA GLU B 153 19.05 20.82 -31.36
C GLU B 153 20.29 20.05 -31.80
N LYS B 154 21.48 20.63 -31.66
CA LYS B 154 22.67 20.05 -32.26
C LYS B 154 23.43 19.13 -31.30
N VAL B 155 23.87 19.67 -30.16
CA VAL B 155 24.79 18.94 -29.29
C VAL B 155 24.09 17.88 -28.45
N VAL B 156 22.75 17.86 -28.46
CA VAL B 156 22.01 16.88 -27.66
C VAL B 156 22.20 15.47 -28.20
N TYR B 157 22.28 15.31 -29.53
CA TYR B 157 22.41 13.98 -30.14
C TYR B 157 23.74 13.33 -29.79
N VAL B 158 24.84 14.08 -29.97
CA VAL B 158 26.15 13.58 -29.56
C VAL B 158 26.30 13.60 -28.04
N GLY B 159 25.39 14.28 -27.33
CA GLY B 159 25.44 14.25 -25.87
C GLY B 159 24.88 12.96 -25.30
N VAL B 160 23.72 12.51 -25.78
CA VAL B 160 23.03 11.38 -25.19
C VAL B 160 23.24 10.09 -26.00
N TRP B 161 23.09 10.15 -27.33
CA TRP B 161 23.04 8.90 -28.07
C TRP B 161 24.42 8.36 -28.38
N ILE B 162 25.37 9.23 -28.72
CA ILE B 162 26.73 8.77 -29.05
C ILE B 162 27.42 8.07 -27.88
N PRO B 163 27.36 8.55 -26.62
CA PRO B 163 27.77 7.67 -25.51
C PRO B 163 26.91 6.42 -25.35
N ALA B 164 25.63 6.47 -25.71
CA ALA B 164 24.76 5.30 -25.53
C ALA B 164 25.11 4.17 -26.49
N LEU B 165 25.31 4.47 -27.78
CA LEU B 165 25.78 3.42 -28.67
C LEU B 165 27.25 3.08 -28.45
N LEU B 166 28.06 4.05 -27.99
CA LEU B 166 29.47 3.77 -27.77
C LEU B 166 29.72 2.89 -26.55
N LEU B 167 28.81 2.91 -25.57
CA LEU B 167 28.97 2.10 -24.37
C LEU B 167 28.40 0.69 -24.52
N THR B 168 27.89 0.34 -25.68
CA THR B 168 27.33 -0.98 -25.93
C THR B 168 28.30 -1.90 -26.68
N ILE B 169 29.54 -1.46 -26.88
CA ILE B 169 30.55 -2.34 -27.51
C ILE B 169 30.86 -3.57 -26.65
N PRO B 170 31.07 -3.48 -25.31
CA PRO B 170 31.13 -4.72 -24.53
C PRO B 170 29.83 -5.52 -24.55
N ASP B 171 28.70 -4.84 -24.65
CA ASP B 171 27.43 -5.55 -24.83
C ASP B 171 27.35 -6.21 -26.20
N PHE B 172 27.94 -5.59 -27.23
CA PHE B 172 27.91 -6.17 -28.56
C PHE B 172 28.81 -7.41 -28.66
N ILE B 173 29.98 -7.37 -28.01
CA ILE B 173 30.94 -8.47 -28.15
C ILE B 173 30.90 -9.47 -27.00
N PHE B 174 30.12 -9.22 -25.95
CA PHE B 174 30.15 -10.08 -24.77
C PHE B 174 28.83 -10.74 -24.42
N ALA B 175 27.75 -10.46 -25.15
CA ALA B 175 26.45 -11.06 -24.88
C ALA B 175 26.26 -12.24 -25.84
N ASN B 176 26.25 -13.45 -25.29
CA ASN B 176 26.10 -14.66 -26.08
C ASN B 176 25.12 -15.60 -25.38
N VAL B 177 24.87 -16.75 -26.00
CA VAL B 177 23.99 -17.77 -25.46
C VAL B 177 24.83 -19.02 -25.16
N SER B 178 24.71 -19.53 -23.94
CA SER B 178 25.47 -20.70 -23.53
C SER B 178 24.86 -21.97 -24.12
N GLU B 179 25.71 -22.82 -24.71
CA GLU B 179 25.30 -24.14 -25.20
C GLU B 179 25.18 -25.08 -24.01
N ALA B 180 24.02 -25.01 -23.35
CA ALA B 180 23.84 -25.62 -22.06
C ALA B 180 22.98 -26.87 -22.14
N ASP B 181 22.61 -27.36 -20.95
CA ASP B 181 21.74 -28.52 -20.77
C ASP B 181 20.29 -28.07 -20.93
N ASP B 182 19.85 -28.05 -22.19
CA ASP B 182 18.51 -27.68 -22.70
C ASP B 182 17.88 -26.46 -22.05
N ARG B 183 18.69 -25.45 -21.68
CA ARG B 183 18.12 -24.19 -21.22
C ARG B 183 18.44 -23.04 -22.16
N TYR B 184 19.71 -22.85 -22.53
CA TYR B 184 20.17 -21.86 -23.52
C TYR B 184 19.79 -20.44 -23.12
N ILE B 185 20.24 -20.03 -21.95
CA ILE B 185 19.88 -18.73 -21.40
C ILE B 185 20.69 -17.64 -22.10
N CYS B 186 20.13 -16.43 -22.11
CA CYS B 186 20.76 -15.26 -22.72
C CYS B 186 21.24 -14.33 -21.63
N ASP B 187 22.56 -14.18 -21.53
CA ASP B 187 23.18 -13.25 -20.59
C ASP B 187 24.59 -12.95 -21.10
N ARG B 188 25.13 -11.82 -20.65
CA ARG B 188 26.49 -11.46 -21.03
C ARG B 188 27.49 -12.32 -20.25
N PHE B 189 28.40 -12.94 -20.98
CA PHE B 189 29.34 -13.90 -20.41
C PHE B 189 30.75 -13.33 -20.45
N TYR B 190 31.51 -13.61 -19.40
CA TYR B 190 32.81 -13.01 -19.13
C TYR B 190 33.80 -14.09 -18.71
N PRO B 191 35.08 -13.95 -19.07
CA PRO B 191 36.05 -15.00 -18.70
C PRO B 191 36.42 -15.01 -17.22
N ASN B 192 36.19 -13.92 -16.50
CA ASN B 192 36.51 -13.87 -15.07
C ASN B 192 35.62 -12.84 -14.39
N ASP B 193 35.58 -12.90 -13.06
CA ASP B 193 34.70 -12.04 -12.29
C ASP B 193 35.20 -10.61 -12.20
N LEU B 194 36.47 -10.36 -12.52
CA LEU B 194 37.01 -9.01 -12.46
C LEU B 194 36.37 -8.11 -13.53
N TRP B 195 36.13 -8.66 -14.72
CA TRP B 195 35.43 -7.92 -15.75
C TRP B 195 33.98 -7.65 -15.36
N VAL B 196 33.36 -8.60 -14.67
CA VAL B 196 31.99 -8.43 -14.16
C VAL B 196 31.95 -7.29 -13.15
N VAL B 197 32.94 -7.28 -12.24
CA VAL B 197 33.01 -6.26 -11.20
C VAL B 197 33.27 -4.88 -11.79
N VAL B 198 34.19 -4.80 -12.77
CA VAL B 198 34.50 -3.49 -13.34
C VAL B 198 33.38 -2.99 -14.23
N PHE B 199 32.60 -3.88 -14.86
CA PHE B 199 31.48 -3.40 -15.66
C PHE B 199 30.28 -3.03 -14.79
N GLN B 200 30.08 -3.72 -13.67
CA GLN B 200 29.08 -3.28 -12.71
C GLN B 200 29.46 -1.96 -12.06
N PHE B 201 30.76 -1.73 -11.84
CA PHE B 201 31.23 -0.45 -11.32
C PHE B 201 31.05 0.67 -12.35
N GLN B 202 31.31 0.37 -13.63
CA GLN B 202 31.07 1.34 -14.70
C GLN B 202 29.59 1.66 -14.82
N HIS B 203 28.73 0.65 -14.66
CA HIS B 203 27.28 0.86 -14.61
C HIS B 203 26.91 1.75 -13.43
N ILE B 204 27.51 1.51 -12.26
CA ILE B 204 27.22 2.30 -11.06
C ILE B 204 27.61 3.76 -11.27
N MET B 205 28.81 4.01 -11.80
CA MET B 205 29.27 5.38 -12.06
C MET B 205 28.38 6.09 -13.08
N VAL B 206 28.33 5.57 -14.31
CA VAL B 206 27.64 6.26 -15.40
C VAL B 206 26.12 6.28 -15.21
N GLY B 207 25.55 5.40 -14.39
CA GLY B 207 24.12 5.45 -14.18
C GLY B 207 23.66 6.13 -12.91
N LEU B 208 24.56 6.30 -11.92
CA LEU B 208 24.08 6.93 -10.70
C LEU B 208 24.95 8.08 -10.23
N ILE B 209 26.27 7.99 -10.37
CA ILE B 209 27.13 8.92 -9.65
C ILE B 209 27.30 10.20 -10.43
N LEU B 210 27.94 10.13 -11.61
CA LEU B 210 28.29 11.36 -12.34
C LEU B 210 27.07 12.13 -12.85
N PRO B 211 26.05 11.51 -13.49
CA PRO B 211 24.80 12.27 -13.69
C PRO B 211 24.11 12.66 -12.40
N GLY B 212 24.24 11.86 -11.35
CA GLY B 212 23.63 12.23 -10.07
C GLY B 212 24.27 13.46 -9.44
N ILE B 213 25.61 13.53 -9.45
CA ILE B 213 26.29 14.71 -8.93
C ILE B 213 26.04 15.91 -9.83
N VAL B 214 25.95 15.71 -11.15
CA VAL B 214 25.67 16.82 -12.06
C VAL B 214 24.27 17.39 -11.81
N ILE B 215 23.27 16.50 -11.68
CA ILE B 215 21.89 16.93 -11.46
C ILE B 215 21.73 17.59 -10.09
N LEU B 216 22.32 16.99 -9.05
CA LEU B 216 22.23 17.53 -7.70
C LEU B 216 22.94 18.88 -7.57
N SER B 217 24.11 19.02 -8.22
CA SER B 217 24.83 20.27 -8.18
C SER B 217 24.08 21.38 -8.89
N CYS B 218 23.62 21.12 -10.13
CA CYS B 218 22.90 22.14 -10.88
C CYS B 218 21.58 22.51 -10.22
N TYR B 219 20.92 21.53 -9.59
CA TYR B 219 19.73 21.86 -8.81
C TYR B 219 20.08 22.63 -7.54
N CYS B 220 21.30 22.47 -7.02
CA CYS B 220 21.70 23.29 -5.88
C CYS B 220 21.88 24.76 -6.28
N ILE B 221 22.49 25.03 -7.45
CA ILE B 221 22.51 26.46 -7.85
C ILE B 221 21.09 26.92 -8.25
N ILE B 222 20.24 26.02 -8.74
CA ILE B 222 18.85 26.39 -9.07
C ILE B 222 18.09 26.83 -7.82
N ILE B 223 18.22 26.06 -6.73
CA ILE B 223 17.53 26.41 -5.49
C ILE B 223 18.18 27.61 -4.83
N SER B 224 19.51 27.76 -4.95
CA SER B 224 20.20 28.91 -4.38
C SER B 224 19.80 30.21 -5.07
N LYS B 225 19.64 30.20 -6.39
CA LYS B 225 19.26 31.40 -7.12
C LYS B 225 17.76 31.58 -7.25
N LEU B 226 16.96 30.58 -6.85
CA LEU B 226 15.51 30.71 -6.95
C LEU B 226 14.94 31.58 -5.83
N SER B 227 15.53 31.50 -4.63
CA SER B 227 15.00 32.21 -3.47
C SER B 227 15.24 33.71 -3.53
N HIS B 228 16.15 34.17 -4.40
CA HIS B 228 16.37 35.61 -4.56
C HIS B 228 15.21 36.30 -5.27
N SER B 229 14.42 35.56 -6.04
CA SER B 229 13.24 36.14 -6.67
C SER B 229 12.14 36.36 -5.64
N LYS B 230 11.23 37.27 -5.96
CA LYS B 230 10.15 37.65 -5.04
C LYS B 230 8.90 36.80 -5.26
N GLY B 231 9.09 35.48 -5.14
CA GLY B 231 8.01 34.54 -5.30
C GLY B 231 7.46 34.46 -6.72
N HIS B 232 8.34 34.20 -7.68
CA HIS B 232 7.96 34.21 -9.08
C HIS B 232 7.16 32.95 -9.43
N GLN B 233 6.51 33.00 -10.59
CA GLN B 233 5.67 31.91 -11.07
C GLN B 233 6.41 30.99 -12.03
N LYS B 234 7.74 31.08 -12.11
CA LYS B 234 8.54 30.17 -12.89
C LYS B 234 8.84 28.86 -12.15
N ARG B 235 8.42 28.75 -10.89
CA ARG B 235 8.73 27.57 -10.09
C ARG B 235 7.86 26.38 -10.47
N LYS B 236 6.60 26.61 -10.87
CA LYS B 236 5.69 25.51 -11.18
C LYS B 236 6.04 24.78 -12.47
N ALA B 237 6.93 25.34 -13.30
CA ALA B 237 7.46 24.59 -14.44
C ALA B 237 8.59 23.66 -14.06
N LEU B 238 9.05 23.72 -12.81
CA LEU B 238 10.12 22.87 -12.30
C LEU B 238 9.59 21.69 -11.49
N LYS B 239 8.32 21.73 -11.09
CA LYS B 239 7.72 20.67 -10.28
C LYS B 239 7.64 19.35 -11.05
N THR B 240 7.25 19.40 -12.32
CA THR B 240 7.19 18.19 -13.13
C THR B 240 8.58 17.59 -13.34
N THR B 241 9.58 18.44 -13.53
CA THR B 241 10.95 17.97 -13.71
C THR B 241 11.50 17.33 -12.45
N VAL B 242 11.28 17.95 -11.28
CA VAL B 242 11.81 17.35 -10.05
C VAL B 242 11.04 16.08 -9.69
N ILE B 243 9.74 16.01 -10.03
CA ILE B 243 8.98 14.78 -9.82
C ILE B 243 9.51 13.66 -10.70
N LEU B 244 9.80 13.96 -11.97
CA LEU B 244 10.35 12.97 -12.90
C LEU B 244 11.73 12.49 -12.44
N ILE B 245 12.59 13.41 -12.04
CA ILE B 245 13.96 13.04 -11.66
C ILE B 245 13.98 12.26 -10.35
N LEU B 246 13.21 12.73 -9.35
CA LEU B 246 13.15 12.04 -8.07
C LEU B 246 12.51 10.67 -8.20
N ALA B 247 11.46 10.54 -9.02
CA ALA B 247 10.82 9.23 -9.17
C ALA B 247 11.70 8.27 -9.97
N PHE B 248 12.44 8.79 -10.96
CA PHE B 248 13.38 7.97 -11.71
C PHE B 248 14.49 7.43 -10.81
N PHE B 249 15.07 8.30 -9.98
CA PHE B 249 16.17 7.85 -9.13
C PHE B 249 15.66 7.01 -7.97
N ALA B 250 14.43 7.23 -7.51
CA ALA B 250 13.84 6.36 -6.50
C ALA B 250 13.50 4.99 -7.08
N CYS B 251 13.19 4.93 -8.38
CA CYS B 251 13.02 3.64 -9.04
C CYS B 251 14.34 2.90 -9.16
N TRP B 252 15.39 3.58 -9.60
CA TRP B 252 16.65 2.91 -9.91
C TRP B 252 17.59 2.76 -8.71
N LEU B 253 17.29 3.38 -7.57
CA LEU B 253 18.19 3.32 -6.42
C LEU B 253 18.36 1.93 -5.80
N PRO B 254 17.29 1.14 -5.52
CA PRO B 254 17.55 -0.19 -4.93
C PRO B 254 18.23 -1.16 -5.88
N TYR B 255 18.10 -0.99 -7.20
CA TYR B 255 18.84 -1.83 -8.14
C TYR B 255 20.31 -1.50 -8.12
N TYR B 256 20.64 -0.21 -7.99
CA TYR B 256 22.04 0.19 -7.90
C TYR B 256 22.65 -0.26 -6.58
N ILE B 257 21.85 -0.22 -5.51
CA ILE B 257 22.29 -0.76 -4.21
C ILE B 257 22.54 -2.26 -4.31
N GLY B 258 21.64 -2.98 -4.98
CA GLY B 258 21.80 -4.41 -5.15
C GLY B 258 22.99 -4.79 -6.00
N ILE B 259 23.26 -4.05 -7.07
CA ILE B 259 24.41 -4.41 -7.89
C ILE B 259 25.72 -3.93 -7.27
N SER B 260 25.69 -2.90 -6.41
CA SER B 260 26.89 -2.54 -5.66
C SER B 260 27.22 -3.61 -4.62
N ILE B 261 26.19 -4.12 -3.94
CA ILE B 261 26.38 -5.21 -2.99
C ILE B 261 26.81 -6.48 -3.71
N ASP B 262 26.30 -6.69 -4.93
CA ASP B 262 26.72 -7.85 -5.73
C ASP B 262 28.15 -7.72 -6.24
N SER B 263 28.58 -6.50 -6.56
CA SER B 263 29.97 -6.30 -6.95
C SER B 263 30.90 -6.50 -5.77
N PHE B 264 30.42 -6.18 -4.56
CA PHE B 264 31.22 -6.47 -3.37
C PHE B 264 31.16 -7.94 -2.95
N ILE B 265 30.10 -8.67 -3.29
CA ILE B 265 30.07 -10.09 -2.94
C ILE B 265 30.92 -10.88 -3.92
N LEU B 266 31.21 -10.31 -5.09
CA LEU B 266 32.28 -10.83 -5.94
C LEU B 266 33.59 -10.21 -5.49
N LEU B 267 34.71 -10.56 -6.15
CA LEU B 267 36.05 -10.52 -5.57
C LEU B 267 36.06 -11.04 -4.13
N GLU B 268 36.81 -10.42 -3.22
CA GLU B 268 36.89 -10.98 -1.88
C GLU B 268 36.80 -9.96 -0.74
N ILE B 269 35.97 -8.92 -0.84
CA ILE B 269 35.93 -7.95 0.25
C ILE B 269 34.98 -8.41 1.35
N ILE B 270 33.76 -8.83 1.00
CA ILE B 270 32.79 -9.31 1.98
C ILE B 270 32.48 -10.79 1.69
N LYS B 271 32.24 -11.55 2.76
CA LYS B 271 31.84 -12.95 2.66
C LYS B 271 31.10 -13.39 3.92
N GLN B 272 29.78 -13.52 3.83
CA GLN B 272 28.96 -13.92 4.97
C GLN B 272 27.97 -15.04 4.63
N GLY B 273 28.38 -15.99 3.80
CA GLY B 273 27.58 -17.18 3.59
C GLY B 273 27.34 -17.46 2.13
N CYS B 274 26.78 -18.63 1.87
CA CYS B 274 26.35 -19.00 0.52
C CYS B 274 24.89 -18.66 0.25
N GLU B 275 24.16 -18.18 1.26
CA GLU B 275 22.75 -17.87 1.10
C GLU B 275 22.53 -16.36 0.93
N PHE B 276 23.50 -15.54 1.36
CA PHE B 276 23.39 -14.09 1.24
C PHE B 276 23.37 -13.65 -0.21
N GLU B 277 24.27 -14.18 -1.04
CA GLU B 277 24.22 -13.81 -2.45
C GLU B 277 23.17 -14.59 -3.23
N ASN B 278 22.53 -15.59 -2.64
CA ASN B 278 21.30 -16.16 -3.18
C ASN B 278 20.10 -15.27 -2.92
N THR B 279 20.09 -14.56 -1.79
CA THR B 279 19.12 -13.50 -1.53
C THR B 279 19.35 -12.27 -2.39
N VAL B 280 20.61 -11.89 -2.59
CA VAL B 280 20.95 -10.74 -3.45
C VAL B 280 20.56 -11.01 -4.89
N HIS B 281 20.72 -12.26 -5.35
CA HIS B 281 20.42 -12.57 -6.76
C HIS B 281 18.91 -12.61 -7.01
N LYS B 282 18.11 -12.75 -5.96
CA LYS B 282 16.66 -12.61 -6.08
C LYS B 282 16.24 -11.15 -5.96
N TRP B 283 16.91 -10.41 -5.07
CA TRP B 283 16.65 -8.99 -4.88
C TRP B 283 16.92 -8.21 -6.16
N ILE B 284 18.02 -8.54 -6.85
CA ILE B 284 18.40 -7.85 -8.07
C ILE B 284 17.39 -8.07 -9.18
N SER B 285 16.92 -9.32 -9.35
CA SER B 285 15.94 -9.62 -10.39
C SER B 285 14.58 -8.96 -10.11
N ILE B 286 14.11 -9.05 -8.86
CA ILE B 286 12.82 -8.49 -8.46
C ILE B 286 12.84 -6.97 -8.59
N THR B 287 13.94 -6.35 -8.14
CA THR B 287 14.02 -4.90 -8.16
C THR B 287 14.33 -4.39 -9.58
N GLU B 288 15.01 -5.19 -10.40
CA GLU B 288 15.18 -4.87 -11.81
C GLU B 288 13.84 -4.89 -12.55
N ALA B 289 12.95 -5.81 -12.15
CA ALA B 289 11.59 -5.76 -12.67
C ALA B 289 10.85 -4.51 -12.19
N LEU B 290 10.97 -4.20 -10.90
CA LEU B 290 10.22 -3.08 -10.34
C LEU B 290 10.78 -1.71 -10.76
N ALA B 291 12.01 -1.67 -11.27
CA ALA B 291 12.65 -0.43 -11.69
C ALA B 291 12.46 -0.13 -13.17
N PHE B 292 11.72 -0.96 -13.89
CA PHE B 292 11.37 -0.69 -15.28
C PHE B 292 10.13 0.19 -15.39
N PHE B 293 9.59 0.65 -14.26
CA PHE B 293 8.45 1.56 -14.24
C PHE B 293 8.81 2.97 -14.71
N HIS B 294 10.10 3.26 -14.92
CA HIS B 294 10.49 4.58 -15.41
C HIS B 294 10.03 4.80 -16.85
N CYS B 295 9.86 3.72 -17.63
CA CYS B 295 9.19 3.86 -18.92
C CYS B 295 7.71 4.14 -18.74
N CYS B 296 7.09 3.54 -17.72
CA CYS B 296 5.70 3.80 -17.40
C CYS B 296 5.51 5.19 -16.80
N LEU B 297 6.55 5.73 -16.16
CA LEU B 297 6.44 6.95 -15.35
C LEU B 297 6.29 8.22 -16.19
N ASN B 298 7.05 8.33 -17.28
CA ASN B 298 7.09 9.55 -18.07
C ASN B 298 5.75 9.93 -18.74
N PRO B 299 4.97 9.02 -19.36
CA PRO B 299 3.65 9.47 -19.84
C PRO B 299 2.61 9.59 -18.74
N ILE B 300 2.83 8.97 -17.58
CA ILE B 300 1.95 9.21 -16.43
C ILE B 300 2.11 10.66 -15.95
N LEU B 301 3.34 11.18 -15.97
CA LEU B 301 3.53 12.61 -15.71
C LEU B 301 2.95 13.51 -16.79
N TYR B 302 2.69 12.99 -17.99
CA TYR B 302 1.98 13.77 -19.00
C TYR B 302 0.48 13.63 -18.89
N ALA B 303 -0.01 12.58 -18.24
CA ALA B 303 -1.44 12.46 -17.98
C ALA B 303 -1.91 13.50 -16.98
N PHE B 304 -1.16 13.67 -15.89
CA PHE B 304 -1.37 14.80 -15.00
C PHE B 304 -0.47 15.95 -15.43
N LEU B 305 -0.33 16.96 -14.59
CA LEU B 305 0.53 18.09 -14.89
C LEU B 305 1.59 18.28 -13.80
N LYS C 25 -11.76 -35.55 14.69
CA LYS C 25 -12.66 -35.49 15.84
C LYS C 25 -12.02 -34.74 17.00
N GLU C 26 -10.76 -35.06 17.27
CA GLU C 26 -10.06 -34.47 18.40
C GLU C 26 -9.68 -33.02 18.09
N PRO C 27 -10.08 -32.06 18.91
CA PRO C 27 -9.67 -30.66 18.71
C PRO C 27 -8.48 -30.22 19.54
N CYS C 28 -7.79 -31.13 20.22
CA CYS C 28 -6.78 -30.77 21.21
C CYS C 28 -5.43 -30.43 20.58
N PHE C 29 -5.29 -30.49 19.26
CA PHE C 29 -4.06 -30.08 18.59
C PHE C 29 -3.99 -28.55 18.57
N ARG C 30 -3.58 -27.99 19.70
CA ARG C 30 -3.59 -26.56 19.91
C ARG C 30 -2.21 -25.98 19.61
N GLU C 31 -2.19 -24.93 18.78
CA GLU C 31 -0.97 -24.21 18.45
C GLU C 31 -1.10 -22.79 18.98
N GLU C 32 -0.07 -22.33 19.69
CA GLU C 32 -0.09 -21.00 20.26
C GLU C 32 0.15 -19.95 19.17
N ASN C 33 -0.07 -18.68 19.55
CA ASN C 33 0.13 -17.58 18.63
C ASN C 33 1.62 -17.39 18.33
N ALA C 34 1.89 -16.92 17.12
CA ALA C 34 3.28 -16.74 16.69
C ALA C 34 3.92 -15.55 17.39
N ASN C 35 5.25 -15.50 17.32
CA ASN C 35 5.98 -14.41 17.95
C ASN C 35 5.78 -13.10 17.20
N PHE C 36 5.54 -13.16 15.89
CA PHE C 36 5.21 -11.95 15.15
C PHE C 36 3.85 -11.39 15.56
N ASN C 37 2.91 -12.26 15.95
CA ASN C 37 1.68 -11.79 16.56
C ASN C 37 1.95 -11.10 17.89
N LYS C 38 2.83 -11.69 18.70
CA LYS C 38 3.18 -11.11 20.00
C LYS C 38 4.01 -9.83 19.87
N ILE C 39 4.55 -9.53 18.70
CA ILE C 39 5.23 -8.27 18.47
C ILE C 39 4.40 -7.27 17.65
N PHE C 40 3.34 -7.72 16.97
CA PHE C 40 2.52 -6.84 16.14
C PHE C 40 1.23 -6.41 16.82
N LEU C 41 0.62 -7.29 17.62
CA LEU C 41 -0.50 -6.88 18.48
C LEU C 41 -0.18 -5.72 19.42
N PRO C 42 0.95 -5.68 20.18
CA PRO C 42 1.14 -4.54 21.09
C PRO C 42 1.45 -3.24 20.40
N THR C 43 2.12 -3.27 19.23
CA THR C 43 2.36 -2.02 18.48
C THR C 43 1.06 -1.42 17.98
N ILE C 44 0.18 -2.26 17.42
CA ILE C 44 -1.13 -1.81 16.94
C ILE C 44 -1.97 -1.32 18.11
N TYR C 45 -1.95 -2.05 19.23
CA TYR C 45 -2.72 -1.66 20.42
C TYR C 45 -2.22 -0.33 21.00
N SER C 46 -0.90 -0.13 21.04
CA SER C 46 -0.37 1.10 21.62
C SER C 46 -0.61 2.30 20.71
N ILE C 47 -0.48 2.11 19.39
CA ILE C 47 -0.78 3.18 18.42
C ILE C 47 -2.24 3.57 18.51
N ILE C 48 -3.14 2.57 18.56
CA ILE C 48 -4.57 2.82 18.57
C ILE C 48 -4.99 3.45 19.89
N PHE C 49 -4.40 3.00 21.00
CA PHE C 49 -4.66 3.57 22.31
C PHE C 49 -4.20 5.02 22.40
N LEU C 50 -3.02 5.33 21.87
CA LEU C 50 -2.51 6.70 21.93
C LEU C 50 -3.37 7.64 21.10
N THR C 51 -3.69 7.25 19.86
CA THR C 51 -4.51 8.14 19.04
C THR C 51 -5.95 8.19 19.53
N GLY C 52 -6.43 7.13 20.20
CA GLY C 52 -7.76 7.16 20.78
C GLY C 52 -7.84 8.08 21.98
N ILE C 53 -6.84 8.03 22.86
CA ILE C 53 -6.78 8.94 24.01
C ILE C 53 -6.71 10.39 23.54
N VAL C 54 -5.83 10.68 22.58
CA VAL C 54 -5.63 12.05 22.11
C VAL C 54 -6.89 12.58 21.42
N GLY C 55 -7.41 11.82 20.46
CA GLY C 55 -8.55 12.29 19.69
C GLY C 55 -9.84 12.35 20.48
N ASN C 56 -10.12 11.31 21.27
CA ASN C 56 -11.36 11.30 22.04
C ASN C 56 -11.32 12.29 23.20
N GLY C 57 -10.14 12.49 23.80
CA GLY C 57 -10.01 13.54 24.81
C GLY C 57 -10.20 14.92 24.23
N LEU C 58 -9.65 15.17 23.03
CA LEU C 58 -9.87 16.46 22.39
C LEU C 58 -11.33 16.67 21.99
N VAL C 59 -11.97 15.63 21.46
CA VAL C 59 -13.37 15.73 21.03
C VAL C 59 -14.29 15.97 22.23
N ILE C 60 -14.07 15.24 23.32
CA ILE C 60 -14.86 15.44 24.54
C ILE C 60 -14.60 16.81 25.14
N LEU C 61 -13.32 17.22 25.21
CA LEU C 61 -12.98 18.51 25.82
C LEU C 61 -13.47 19.69 24.99
N VAL C 62 -13.67 19.51 23.69
CA VAL C 62 -14.21 20.61 22.89
C VAL C 62 -15.74 20.60 22.88
N MET C 63 -16.39 19.47 22.58
CA MET C 63 -17.84 19.48 22.46
C MET C 63 -18.54 18.63 23.52
N GLY C 64 -18.07 18.68 24.76
CA GLY C 64 -18.87 18.21 25.88
C GLY C 64 -18.68 19.13 27.07
N TYR C 65 -17.79 20.09 26.93
CA TYR C 65 -17.45 21.01 28.02
C TYR C 65 -17.54 22.45 27.58
N GLN C 66 -17.27 22.73 26.31
CA GLN C 66 -17.28 24.08 25.77
C GLN C 66 -18.50 24.38 24.92
N LYS C 67 -19.41 23.41 24.76
CA LYS C 67 -20.70 23.55 24.05
C LYS C 67 -20.48 23.98 22.59
N LYS C 68 -19.66 23.20 21.90
CA LYS C 68 -19.30 23.51 20.51
C LYS C 68 -20.16 22.79 19.49
N LEU C 69 -21.03 21.87 19.91
CA LEU C 69 -21.83 21.10 18.96
C LEU C 69 -22.95 21.96 18.39
N ARG C 70 -23.13 21.88 17.07
CA ARG C 70 -24.19 22.62 16.38
C ARG C 70 -25.19 21.67 15.73
N SER C 71 -24.73 20.76 14.87
CA SER C 71 -25.63 19.82 14.24
C SER C 71 -26.07 18.74 15.23
N MET C 72 -27.16 18.05 14.87
CA MET C 72 -27.69 17.03 15.76
C MET C 72 -26.87 15.75 15.69
N THR C 73 -26.09 15.57 14.63
CA THR C 73 -25.20 14.41 14.49
C THR C 73 -24.08 14.44 15.52
N ASP C 74 -23.62 15.64 15.89
CA ASP C 74 -22.46 15.79 16.76
C ASP C 74 -22.73 15.28 18.18
N LYS C 75 -23.98 15.27 18.63
CA LYS C 75 -24.31 14.63 19.91
C LYS C 75 -24.08 13.13 19.84
N TYR C 76 -24.50 12.49 18.75
CA TYR C 76 -24.25 11.07 18.56
C TYR C 76 -22.77 10.77 18.43
N ARG C 77 -22.02 11.65 17.74
CA ARG C 77 -20.58 11.44 17.61
C ARG C 77 -19.87 11.68 18.94
N LEU C 78 -20.40 12.56 19.79
CA LEU C 78 -19.89 12.70 21.15
C LEU C 78 -20.12 11.43 21.97
N HIS C 79 -21.29 10.81 21.82
CA HIS C 79 -21.56 9.54 22.50
C HIS C 79 -20.64 8.42 21.99
N LEU C 80 -20.41 8.39 20.67
CA LEU C 80 -19.48 7.43 20.09
C LEU C 80 -18.06 7.64 20.59
N SER C 81 -17.65 8.91 20.73
CA SER C 81 -16.32 9.21 21.27
C SER C 81 -16.21 8.84 22.74
N VAL C 82 -17.31 8.97 23.51
CA VAL C 82 -17.31 8.55 24.90
C VAL C 82 -17.12 7.03 25.00
N ALA C 83 -17.84 6.28 24.17
CA ALA C 83 -17.69 4.82 24.17
C ALA C 83 -16.30 4.38 23.72
N ASP C 84 -15.75 5.05 22.70
CA ASP C 84 -14.43 4.71 22.21
C ASP C 84 -13.34 5.07 23.23
N LEU C 85 -13.51 6.19 23.94
CA LEU C 85 -12.58 6.53 25.02
C LEU C 85 -12.64 5.52 26.15
N LEU C 86 -13.86 5.05 26.47
CA LEU C 86 -14.01 4.03 27.50
C LEU C 86 -13.31 2.74 27.14
N PHE C 87 -13.38 2.34 25.86
CA PHE C 87 -12.63 1.15 25.43
C PHE C 87 -11.12 1.39 25.41
N VAL C 88 -10.71 2.60 24.99
CA VAL C 88 -9.29 2.91 24.83
C VAL C 88 -8.59 3.00 26.19
N ILE C 89 -9.34 3.33 27.25
CA ILE C 89 -8.79 3.29 28.62
C ILE C 89 -8.34 1.87 28.99
N THR C 90 -9.15 0.87 28.68
CA THR C 90 -8.80 -0.51 29.02
C THR C 90 -7.98 -1.21 27.95
N LEU C 91 -7.74 -0.56 26.81
CA LEU C 91 -6.85 -1.14 25.80
C LEU C 91 -5.41 -1.47 26.23
N PRO C 92 -4.71 -0.69 27.06
CA PRO C 92 -3.37 -1.16 27.50
C PRO C 92 -3.37 -2.45 28.30
N PHE C 93 -4.49 -2.82 28.93
CA PHE C 93 -4.61 -4.16 29.50
C PHE C 93 -4.57 -5.22 28.42
N TRP C 94 -5.20 -4.96 27.27
CA TRP C 94 -5.09 -5.86 26.13
C TRP C 94 -3.68 -5.88 25.55
N ALA C 95 -2.97 -4.75 25.61
CA ALA C 95 -1.58 -4.73 25.17
C ALA C 95 -0.69 -5.58 26.08
N VAL C 96 -0.92 -5.50 27.40
CA VAL C 96 -0.19 -6.33 28.35
C VAL C 96 -0.51 -7.80 28.15
N ASP C 97 -1.79 -8.12 27.91
CA ASP C 97 -2.22 -9.49 27.63
C ASP C 97 -1.66 -9.99 26.30
N ALA C 98 -1.34 -9.09 25.38
CA ALA C 98 -0.63 -9.49 24.17
C ALA C 98 0.83 -9.78 24.47
N VAL C 99 1.47 -8.96 25.30
CA VAL C 99 2.90 -9.11 25.58
C VAL C 99 3.13 -10.30 26.49
N ALA C 100 2.61 -10.23 27.71
CA ALA C 100 2.69 -11.26 28.72
C ALA C 100 1.30 -11.83 28.94
N ASN C 101 1.13 -12.66 29.95
CA ASN C 101 -0.18 -13.19 30.26
C ASN C 101 -0.79 -12.44 31.45
N TRP C 102 -2.10 -12.64 31.63
CA TRP C 102 -2.89 -11.79 32.50
C TRP C 102 -2.55 -12.03 33.97
N TYR C 103 -2.27 -10.93 34.69
CA TYR C 103 -1.87 -10.98 36.09
C TYR C 103 -2.75 -10.11 36.98
N PHE C 104 -3.80 -9.51 36.43
CA PHE C 104 -4.58 -8.52 37.15
C PHE C 104 -5.76 -9.09 37.92
N GLY C 105 -6.06 -10.38 37.77
CA GLY C 105 -7.11 -10.99 38.56
C GLY C 105 -8.45 -11.05 37.87
N ASN C 106 -9.46 -11.41 38.66
CA ASN C 106 -10.81 -11.63 38.14
C ASN C 106 -11.50 -10.32 37.78
N PHE C 107 -11.40 -9.32 38.67
CA PHE C 107 -12.23 -8.13 38.54
C PHE C 107 -11.81 -7.26 37.37
N LEU C 108 -10.49 -7.09 37.15
CA LEU C 108 -10.04 -6.28 36.03
C LEU C 108 -10.30 -6.96 34.70
N CYS C 109 -10.20 -8.30 34.66
CA CYS C 109 -10.56 -9.04 33.45
C CYS C 109 -12.04 -8.90 33.13
N LYS C 110 -12.90 -8.98 34.17
CA LYS C 110 -14.33 -8.79 33.98
C LYS C 110 -14.65 -7.37 33.52
N ALA C 111 -13.98 -6.37 34.10
CA ALA C 111 -14.21 -4.97 33.72
C ALA C 111 -13.74 -4.71 32.29
N VAL C 112 -12.60 -5.28 31.90
CA VAL C 112 -12.09 -5.12 30.54
C VAL C 112 -13.04 -5.75 29.54
N HIS C 113 -13.55 -6.95 29.83
CA HIS C 113 -14.44 -7.62 28.90
C HIS C 113 -15.80 -6.93 28.81
N VAL C 114 -16.34 -6.44 29.94
CA VAL C 114 -17.63 -5.77 29.89
C VAL C 114 -17.51 -4.41 29.20
N ILE C 115 -16.37 -3.72 29.34
CA ILE C 115 -16.18 -2.45 28.66
C ILE C 115 -16.00 -2.67 27.17
N TYR C 116 -15.27 -3.73 26.78
CA TYR C 116 -15.09 -4.06 25.37
C TYR C 116 -16.41 -4.43 24.70
N THR C 117 -17.25 -5.23 25.38
CA THR C 117 -18.51 -5.64 24.78
C THR C 117 -19.50 -4.46 24.71
N VAL C 118 -19.50 -3.60 25.74
CA VAL C 118 -20.35 -2.41 25.75
C VAL C 118 -19.97 -1.47 24.62
N ASN C 119 -18.66 -1.24 24.41
CA ASN C 119 -18.21 -0.38 23.32
C ASN C 119 -18.52 -0.99 21.96
N LEU C 120 -18.33 -2.31 21.83
CA LEU C 120 -18.53 -3.00 20.56
C LEU C 120 -19.99 -2.96 20.11
N TYR C 121 -20.93 -3.15 21.04
CA TYR C 121 -22.34 -3.02 20.66
C TYR C 121 -22.76 -1.56 20.53
N SER C 122 -22.20 -0.68 21.37
CA SER C 122 -22.66 0.70 21.44
C SER C 122 -22.28 1.49 20.21
N SER C 123 -21.10 1.22 19.64
CA SER C 123 -20.68 1.95 18.44
C SER C 123 -21.58 1.66 17.24
N VAL C 124 -21.93 0.39 17.04
CA VAL C 124 -22.77 0.05 15.89
C VAL C 124 -24.22 0.45 16.12
N LEU C 125 -24.71 0.42 17.38
CA LEU C 125 -26.07 0.90 17.63
C LEU C 125 -26.16 2.42 17.49
N ILE C 126 -25.09 3.13 17.88
CA ILE C 126 -25.02 4.58 17.71
C ILE C 126 -24.99 4.94 16.23
N LEU C 127 -24.23 4.19 15.43
CA LEU C 127 -24.17 4.46 13.99
C LEU C 127 -25.49 4.14 13.30
N ALA C 128 -26.22 3.11 13.78
CA ALA C 128 -27.57 2.87 13.29
C ALA C 128 -28.49 4.03 13.62
N PHE C 129 -28.34 4.60 14.83
CA PHE C 129 -29.11 5.79 15.20
C PHE C 129 -28.75 6.99 14.32
N ILE C 130 -27.47 7.12 13.94
CA ILE C 130 -27.04 8.22 13.07
C ILE C 130 -27.68 8.09 11.69
N SER C 131 -27.69 6.86 11.14
CA SER C 131 -28.32 6.64 9.84
C SER C 131 -29.83 6.87 9.89
N LEU C 132 -30.47 6.45 10.99
CA LEU C 132 -31.90 6.73 11.17
C LEU C 132 -32.17 8.22 11.29
N ASP C 133 -31.28 8.95 11.97
CA ASP C 133 -31.42 10.40 12.11
C ASP C 133 -31.25 11.08 10.74
N ARG C 134 -30.31 10.60 9.92
CA ARG C 134 -30.10 11.16 8.59
C ARG C 134 -31.31 10.94 7.69
N TYR C 135 -31.88 9.72 7.72
CA TYR C 135 -33.09 9.44 6.95
C TYR C 135 -34.27 10.28 7.43
N LEU C 136 -34.45 10.37 8.75
CA LEU C 136 -35.58 11.10 9.32
C LEU C 136 -35.39 12.61 9.21
N ALA C 137 -34.18 13.07 8.94
CA ALA C 137 -33.90 14.48 8.74
C ALA C 137 -34.10 14.89 7.28
N ILE C 138 -33.60 14.11 6.34
CA ILE C 138 -33.69 14.52 4.94
C ILE C 138 -35.01 14.11 4.30
N VAL C 139 -35.48 12.87 4.55
CA VAL C 139 -36.73 12.42 3.95
C VAL C 139 -37.92 13.16 4.54
N HIS C 140 -37.96 13.29 5.87
CA HIS C 140 -38.97 14.11 6.54
C HIS C 140 -38.36 15.45 6.93
N ALA C 141 -38.20 16.31 5.92
CA ALA C 141 -37.55 17.60 6.13
C ALA C 141 -38.50 18.68 6.63
N THR C 142 -39.81 18.46 6.57
CA THR C 142 -40.78 19.50 6.92
C THR C 142 -41.38 19.32 8.31
N ASN C 143 -41.62 18.07 8.73
CA ASN C 143 -42.29 17.78 9.98
C ASN C 143 -41.27 17.50 11.08
N SER C 144 -40.23 16.71 10.76
CA SER C 144 -39.35 16.14 11.78
C SER C 144 -38.31 17.17 12.22
N GLN C 145 -38.72 18.00 13.18
CA GLN C 145 -37.81 18.83 13.96
C GLN C 145 -37.86 18.49 15.44
N ARG C 146 -39.06 18.44 16.01
CA ARG C 146 -39.25 17.88 17.34
C ARG C 146 -38.86 16.39 17.45
N PRO C 147 -39.21 15.48 16.51
CA PRO C 147 -38.71 14.10 16.65
C PRO C 147 -37.20 13.95 16.60
N ARG C 148 -36.47 14.84 15.91
CA ARG C 148 -35.01 14.73 15.91
C ARG C 148 -34.42 15.07 17.29
N LYS C 149 -34.93 16.13 17.92
CA LYS C 149 -34.48 16.49 19.27
C LYS C 149 -34.91 15.44 20.29
N LEU C 150 -36.11 14.88 20.12
CA LEU C 150 -36.56 13.79 20.98
C LEU C 150 -35.67 12.55 20.81
N LEU C 151 -35.32 12.23 19.57
CA LEU C 151 -34.51 11.04 19.28
C LEU C 151 -33.10 11.18 19.81
N ALA C 152 -32.51 12.37 19.71
CA ALA C 152 -31.15 12.55 20.17
C ALA C 152 -31.03 13.05 21.60
N GLU C 153 -32.14 13.30 22.29
CA GLU C 153 -32.10 13.81 23.65
C GLU C 153 -32.57 12.81 24.70
N LYS C 154 -33.70 12.16 24.49
CA LYS C 154 -34.34 11.36 25.53
C LYS C 154 -34.27 9.87 25.29
N VAL C 155 -34.69 9.39 24.11
CA VAL C 155 -34.83 7.95 23.88
C VAL C 155 -33.51 7.33 23.40
N VAL C 156 -32.48 8.15 23.17
CA VAL C 156 -31.20 7.62 22.72
C VAL C 156 -30.52 6.77 23.78
N TYR C 157 -30.70 7.11 25.07
CA TYR C 157 -30.06 6.35 26.15
C TYR C 157 -30.63 4.94 26.23
N VAL C 158 -31.96 4.81 26.27
CA VAL C 158 -32.61 3.51 26.22
C VAL C 158 -32.54 2.87 24.84
N GLY C 159 -32.08 3.61 23.83
CA GLY C 159 -31.87 3.06 22.50
C GLY C 159 -30.56 2.32 22.36
N VAL C 160 -29.45 2.92 22.79
CA VAL C 160 -28.12 2.30 22.62
C VAL C 160 -27.55 1.81 23.96
N TRP C 161 -27.55 2.66 25.00
CA TRP C 161 -26.75 2.34 26.18
C TRP C 161 -27.42 1.28 27.05
N ILE C 162 -28.75 1.32 27.16
CA ILE C 162 -29.50 0.30 27.91
C ILE C 162 -29.42 -1.07 27.25
N PRO C 163 -29.61 -1.26 25.92
CA PRO C 163 -29.34 -2.60 25.37
C PRO C 163 -27.89 -3.04 25.46
N ALA C 164 -26.93 -2.11 25.37
CA ALA C 164 -25.53 -2.47 25.55
C ALA C 164 -25.24 -2.92 26.97
N LEU C 165 -25.95 -2.35 27.96
CA LEU C 165 -25.81 -2.81 29.32
C LEU C 165 -26.54 -4.13 29.56
N LEU C 166 -27.67 -4.33 28.88
CA LEU C 166 -28.43 -5.57 29.05
C LEU C 166 -27.79 -6.75 28.32
N LEU C 167 -26.94 -6.50 27.33
CA LEU C 167 -26.22 -7.56 26.63
C LEU C 167 -24.87 -7.87 27.26
N THR C 168 -24.73 -7.67 28.57
CA THR C 168 -23.45 -7.86 29.25
C THR C 168 -23.54 -8.70 30.51
N ILE C 169 -24.75 -9.14 30.91
CA ILE C 169 -24.86 -10.03 32.07
C ILE C 169 -24.19 -11.37 31.84
N PRO C 170 -24.32 -12.06 30.69
CA PRO C 170 -23.44 -13.22 30.46
C PRO C 170 -21.97 -12.84 30.33
N ASP C 171 -21.65 -11.64 29.86
CA ASP C 171 -20.27 -11.19 29.88
C ASP C 171 -19.79 -10.95 31.31
N PHE C 172 -20.70 -10.51 32.19
CA PHE C 172 -20.34 -10.34 33.60
C PHE C 172 -20.15 -11.68 34.29
N ILE C 173 -20.92 -12.69 33.91
CA ILE C 173 -20.94 -13.96 34.64
C ILE C 173 -20.06 -15.04 34.01
N PHE C 174 -19.57 -14.83 32.79
CA PHE C 174 -18.85 -15.89 32.07
C PHE C 174 -17.37 -15.64 31.93
N ALA C 175 -16.88 -14.43 32.19
CA ALA C 175 -15.48 -14.08 31.97
C ALA C 175 -14.71 -14.22 33.28
N ASN C 176 -13.63 -15.00 33.24
CA ASN C 176 -12.74 -15.15 34.38
C ASN C 176 -11.37 -15.55 33.84
N VAL C 177 -10.48 -15.99 34.74
CA VAL C 177 -9.15 -16.48 34.38
C VAL C 177 -9.09 -17.97 34.67
N SER C 178 -8.28 -18.68 33.88
CA SER C 178 -8.15 -20.11 34.05
C SER C 178 -6.99 -20.44 34.98
N GLU C 179 -6.72 -21.74 35.15
CA GLU C 179 -5.61 -22.23 35.95
C GLU C 179 -4.71 -23.03 35.02
N ALA C 180 -3.80 -22.35 34.35
CA ALA C 180 -2.85 -22.97 33.44
C ALA C 180 -1.50 -23.12 34.14
N ASP C 181 -0.47 -23.45 33.36
CA ASP C 181 0.90 -23.55 33.88
C ASP C 181 1.45 -22.15 34.10
N ASP C 182 1.12 -21.61 35.30
CA ASP C 182 1.37 -20.24 35.78
C ASP C 182 1.13 -19.16 34.74
N ARG C 183 0.06 -19.29 33.97
CA ARG C 183 -0.29 -18.34 32.91
C ARG C 183 -1.44 -17.43 33.30
N TYR C 184 -2.57 -18.01 33.71
CA TYR C 184 -3.80 -17.30 34.11
C TYR C 184 -4.32 -16.41 32.98
N ILE C 185 -4.70 -17.05 31.88
CA ILE C 185 -5.16 -16.33 30.70
C ILE C 185 -6.61 -15.87 30.90
N CYS C 186 -6.86 -14.57 30.68
CA CYS C 186 -8.20 -14.01 30.81
C CYS C 186 -8.95 -14.18 29.50
N ASP C 187 -10.02 -14.98 29.54
CA ASP C 187 -10.89 -15.19 28.38
C ASP C 187 -12.23 -15.69 28.90
N ARG C 188 -13.24 -15.60 28.05
CA ARG C 188 -14.57 -16.09 28.39
C ARG C 188 -14.60 -17.61 28.23
N PHE C 189 -14.91 -18.31 29.31
CA PHE C 189 -14.93 -19.77 29.33
C PHE C 189 -16.36 -20.27 29.45
N TYR C 190 -16.68 -21.28 28.66
CA TYR C 190 -18.04 -21.78 28.51
C TYR C 190 -18.09 -23.27 28.82
N PRO C 191 -19.23 -23.77 29.31
CA PRO C 191 -19.33 -25.21 29.57
C PRO C 191 -19.33 -26.06 28.32
N ASN C 192 -19.77 -25.53 27.18
CA ASN C 192 -19.84 -26.30 25.94
C ASN C 192 -19.72 -25.36 24.75
N ASP C 193 -19.40 -25.93 23.60
CA ASP C 193 -19.18 -25.16 22.39
C ASP C 193 -20.47 -24.66 21.76
N LEU C 194 -21.62 -25.21 22.14
CA LEU C 194 -22.90 -24.74 21.62
C LEU C 194 -23.20 -23.32 22.08
N TRP C 195 -22.87 -23.01 23.34
CA TRP C 195 -23.03 -21.65 23.84
C TRP C 195 -22.06 -20.69 23.14
N VAL C 196 -20.85 -21.16 22.84
CA VAL C 196 -19.88 -20.36 22.09
C VAL C 196 -20.41 -20.05 20.69
N VAL C 197 -21.00 -21.05 20.04
CA VAL C 197 -21.55 -20.89 18.70
C VAL C 197 -22.73 -19.93 18.71
N VAL C 198 -23.65 -20.10 19.67
CA VAL C 198 -24.84 -19.25 19.70
C VAL C 198 -24.48 -17.82 20.11
N PHE C 199 -23.44 -17.64 20.92
CA PHE C 199 -23.03 -16.28 21.28
C PHE C 199 -22.26 -15.61 20.15
N GLN C 200 -21.47 -16.37 19.39
CA GLN C 200 -20.82 -15.81 18.22
C GLN C 200 -21.84 -15.44 17.15
N PHE C 201 -22.91 -16.24 17.01
CA PHE C 201 -23.97 -15.90 16.06
C PHE C 201 -24.78 -14.70 16.53
N GLN C 202 -25.01 -14.59 17.83
CA GLN C 202 -25.70 -13.42 18.38
C GLN C 202 -24.87 -12.15 18.18
N HIS C 203 -23.55 -12.25 18.40
CA HIS C 203 -22.66 -11.11 18.17
C HIS C 203 -22.60 -10.76 16.68
N ILE C 204 -22.61 -11.77 15.81
CA ILE C 204 -22.63 -11.55 14.36
C ILE C 204 -23.91 -10.81 13.95
N MET C 205 -25.06 -11.24 14.50
CA MET C 205 -26.34 -10.61 14.17
C MET C 205 -26.39 -9.17 14.65
N VAL C 206 -26.12 -8.95 15.94
CA VAL C 206 -26.21 -7.63 16.56
C VAL C 206 -25.15 -6.67 16.00
N GLY C 207 -24.00 -7.19 15.58
CA GLY C 207 -22.98 -6.31 15.04
C GLY C 207 -23.06 -6.05 13.56
N LEU C 208 -23.64 -6.95 12.77
CA LEU C 208 -23.58 -6.73 11.33
C LEU C 208 -24.92 -6.84 10.63
N ILE C 209 -25.81 -7.74 11.06
CA ILE C 209 -26.96 -8.08 10.24
C ILE C 209 -28.09 -7.09 10.44
N LEU C 210 -28.62 -6.99 11.66
CA LEU C 210 -29.77 -6.12 11.89
C LEU C 210 -29.45 -4.62 11.79
N PRO C 211 -28.41 -4.07 12.45
CA PRO C 211 -28.12 -2.65 12.18
C PRO C 211 -27.56 -2.40 10.79
N GLY C 212 -26.93 -3.40 10.18
CA GLY C 212 -26.54 -3.28 8.78
C GLY C 212 -27.75 -3.19 7.86
N ILE C 213 -28.79 -3.98 8.15
CA ILE C 213 -30.02 -3.92 7.36
C ILE C 213 -30.73 -2.58 7.59
N VAL C 214 -30.72 -2.08 8.83
CA VAL C 214 -31.35 -0.79 9.14
C VAL C 214 -30.63 0.35 8.43
N ILE C 215 -29.29 0.37 8.51
CA ILE C 215 -28.48 1.39 7.86
C ILE C 215 -28.63 1.32 6.34
N LEU C 216 -28.64 0.11 5.78
CA LEU C 216 -28.79 -0.08 4.34
C LEU C 216 -30.17 0.38 3.85
N SER C 217 -31.23 0.04 4.59
CA SER C 217 -32.57 0.44 4.19
C SER C 217 -32.74 1.95 4.25
N CYS C 218 -32.25 2.57 5.34
CA CYS C 218 -32.33 4.01 5.48
C CYS C 218 -31.51 4.72 4.40
N TYR C 219 -30.33 4.18 4.07
CA TYR C 219 -29.48 4.83 3.08
C TYR C 219 -30.01 4.66 1.65
N CYS C 220 -30.60 3.50 1.35
CA CYS C 220 -31.27 3.33 0.07
C CYS C 220 -32.44 4.28 -0.08
N ILE C 221 -33.20 4.49 1.02
CA ILE C 221 -34.33 5.41 0.98
C ILE C 221 -33.87 6.85 0.76
N ILE C 222 -32.82 7.29 1.47
CA ILE C 222 -32.43 8.70 1.37
C ILE C 222 -31.71 8.93 0.03
N ILE C 223 -31.01 7.92 -0.52
CA ILE C 223 -30.40 8.06 -1.84
C ILE C 223 -31.49 8.12 -2.92
N SER C 224 -32.52 7.28 -2.80
CA SER C 224 -33.62 7.32 -3.76
C SER C 224 -34.43 8.61 -3.68
N LYS C 225 -34.52 9.21 -2.49
CA LYS C 225 -35.23 10.47 -2.34
C LYS C 225 -34.34 11.69 -2.54
N LEU C 226 -33.03 11.50 -2.71
CA LEU C 226 -32.12 12.61 -2.92
C LEU C 226 -31.99 13.01 -4.39
N SER C 227 -32.44 12.16 -5.30
CA SER C 227 -32.39 12.51 -6.72
C SER C 227 -33.48 13.49 -7.11
N HIS C 228 -34.54 13.61 -6.31
CA HIS C 228 -35.63 14.53 -6.60
C HIS C 228 -35.30 15.98 -6.28
N SER C 229 -34.21 16.23 -5.56
CA SER C 229 -33.80 17.60 -5.27
C SER C 229 -33.23 18.26 -6.52
N LYS C 230 -33.24 19.59 -6.52
CA LYS C 230 -32.79 20.37 -7.68
C LYS C 230 -31.31 20.73 -7.55
N GLY C 231 -30.49 19.70 -7.33
CA GLY C 231 -29.05 19.88 -7.14
C GLY C 231 -28.72 20.63 -5.88
N HIS C 232 -29.40 20.31 -4.78
CA HIS C 232 -29.22 21.02 -3.53
C HIS C 232 -27.91 20.63 -2.85
N GLN C 233 -27.49 21.47 -1.91
CA GLN C 233 -26.26 21.27 -1.17
C GLN C 233 -26.48 20.50 0.13
N LYS C 234 -27.63 19.84 0.29
CA LYS C 234 -27.94 19.10 1.51
C LYS C 234 -27.18 17.78 1.61
N ARG C 235 -26.56 17.32 0.52
CA ARG C 235 -25.77 16.09 0.55
C ARG C 235 -24.30 16.33 0.87
N LYS C 236 -23.91 17.59 1.10
CA LYS C 236 -22.53 17.88 1.48
C LYS C 236 -22.22 17.39 2.89
N ALA C 237 -23.19 17.45 3.80
CA ALA C 237 -23.02 16.89 5.13
C ALA C 237 -23.25 15.39 5.18
N LEU C 238 -23.73 14.79 4.08
CA LEU C 238 -23.91 13.36 4.03
C LEU C 238 -22.59 12.62 3.87
N LYS C 239 -21.59 13.27 3.27
CA LYS C 239 -20.37 12.59 2.85
C LYS C 239 -19.53 12.14 4.03
N THR C 240 -19.42 12.97 5.08
CA THR C 240 -18.66 12.59 6.26
C THR C 240 -19.32 11.41 6.98
N THR C 241 -20.65 11.42 7.05
CA THR C 241 -21.38 10.34 7.70
C THR C 241 -21.25 9.03 6.94
N VAL C 242 -21.38 9.06 5.62
CA VAL C 242 -21.29 7.81 4.85
C VAL C 242 -19.84 7.32 4.81
N ILE C 243 -18.86 8.23 4.86
CA ILE C 243 -17.46 7.81 4.92
C ILE C 243 -17.16 7.15 6.26
N LEU C 244 -17.70 7.70 7.36
CA LEU C 244 -17.53 7.12 8.68
C LEU C 244 -18.18 5.74 8.78
N ILE C 245 -19.40 5.59 8.26
CA ILE C 245 -20.10 4.31 8.34
C ILE C 245 -19.44 3.26 7.44
N LEU C 246 -19.04 3.65 6.23
CA LEU C 246 -18.38 2.73 5.32
C LEU C 246 -17.02 2.29 5.84
N ALA C 247 -16.26 3.22 6.45
CA ALA C 247 -14.96 2.84 6.99
C ALA C 247 -15.11 2.00 8.26
N PHE C 248 -16.14 2.24 9.07
CA PHE C 248 -16.42 1.39 10.21
C PHE C 248 -16.74 -0.03 9.79
N PHE C 249 -17.60 -0.19 8.78
CA PHE C 249 -17.97 -1.53 8.35
C PHE C 249 -16.83 -2.19 7.58
N ALA C 250 -16.00 -1.42 6.88
CA ALA C 250 -14.82 -1.99 6.24
C ALA C 250 -13.76 -2.40 7.26
N CYS C 251 -13.73 -1.73 8.41
CA CYS C 251 -12.86 -2.17 9.49
C CYS C 251 -13.35 -3.46 10.12
N TRP C 252 -14.65 -3.54 10.41
CA TRP C 252 -15.18 -4.67 11.16
C TRP C 252 -15.59 -5.86 10.29
N LEU C 253 -15.57 -5.73 8.96
CA LEU C 253 -16.03 -6.82 8.10
C LEU C 253 -15.14 -8.08 8.12
N PRO C 254 -13.80 -8.01 7.94
CA PRO C 254 -13.06 -9.28 7.89
C PRO C 254 -12.96 -9.99 9.23
N TYR C 255 -13.08 -9.27 10.36
CA TYR C 255 -13.19 -9.94 11.64
C TYR C 255 -14.49 -10.71 11.75
N TYR C 256 -15.58 -10.14 11.23
CA TYR C 256 -16.87 -10.83 11.24
C TYR C 256 -16.83 -12.06 10.33
N ILE C 257 -16.14 -11.95 9.19
CA ILE C 257 -15.97 -13.11 8.31
C ILE C 257 -15.13 -14.19 9.00
N GLY C 258 -14.07 -13.79 9.69
CA GLY C 258 -13.23 -14.76 10.38
C GLY C 258 -13.95 -15.46 11.53
N ILE C 259 -14.74 -14.72 12.31
CA ILE C 259 -15.47 -15.38 13.39
C ILE C 259 -16.68 -16.15 12.87
N SER C 260 -17.22 -15.80 11.69
CA SER C 260 -18.27 -16.65 11.10
C SER C 260 -17.70 -17.96 10.61
N ILE C 261 -16.51 -17.93 10.01
CA ILE C 261 -15.85 -19.16 9.59
C ILE C 261 -15.44 -19.99 10.80
N ASP C 262 -14.99 -19.34 11.87
CA ASP C 262 -14.65 -20.06 13.10
C ASP C 262 -15.89 -20.64 13.79
N SER C 263 -17.04 -19.96 13.70
CA SER C 263 -18.27 -20.53 14.22
C SER C 263 -18.72 -21.72 13.40
N PHE C 264 -18.57 -21.66 12.08
CA PHE C 264 -18.92 -22.78 11.24
C PHE C 264 -17.89 -23.90 11.27
N ILE C 265 -16.70 -23.65 11.85
CA ILE C 265 -15.74 -24.73 12.12
C ILE C 265 -16.34 -25.69 13.14
N LEU C 266 -17.01 -25.16 14.16
CA LEU C 266 -17.74 -25.97 15.10
C LEU C 266 -19.05 -26.44 14.49
N LEU C 267 -19.84 -27.19 15.28
CA LEU C 267 -21.04 -27.94 14.89
C LEU C 267 -20.79 -28.99 13.81
N GLU C 268 -19.51 -29.28 13.50
CA GLU C 268 -19.07 -30.17 12.43
C GLU C 268 -19.72 -29.83 11.09
N ILE C 269 -19.78 -28.53 10.78
CA ILE C 269 -20.40 -28.08 9.54
C ILE C 269 -19.32 -28.04 8.46
N ILE C 270 -18.18 -27.42 8.78
CA ILE C 270 -17.01 -27.54 7.92
C ILE C 270 -15.92 -28.29 8.70
N LYS C 271 -15.37 -29.32 8.08
CA LYS C 271 -14.28 -30.11 8.66
C LYS C 271 -13.19 -30.21 7.61
N GLN C 272 -12.13 -29.43 7.78
CA GLN C 272 -11.06 -29.41 6.79
C GLN C 272 -9.72 -29.74 7.44
N GLY C 273 -9.56 -29.39 8.72
CA GLY C 273 -8.36 -29.73 9.44
C GLY C 273 -8.19 -28.97 10.73
N CYS C 274 -7.03 -29.13 11.36
CA CYS C 274 -6.65 -28.40 12.57
C CYS C 274 -5.69 -27.26 12.30
N GLU C 275 -4.85 -27.39 11.27
CA GLU C 275 -3.98 -26.29 10.86
C GLU C 275 -4.82 -25.14 10.30
N PHE C 276 -5.93 -25.48 9.64
CA PHE C 276 -6.90 -24.48 9.22
C PHE C 276 -7.52 -23.76 10.41
N GLU C 277 -7.81 -24.51 11.48
CA GLU C 277 -8.35 -23.92 12.69
C GLU C 277 -7.35 -22.98 13.35
N ASN C 278 -6.07 -23.36 13.34
CA ASN C 278 -5.01 -22.48 13.83
C ASN C 278 -4.86 -21.22 12.97
N THR C 279 -4.98 -21.36 11.64
CA THR C 279 -4.91 -20.21 10.75
C THR C 279 -6.08 -19.25 10.98
N VAL C 280 -7.29 -19.78 11.17
CA VAL C 280 -8.45 -18.93 11.44
C VAL C 280 -8.32 -18.26 12.81
N HIS C 281 -7.78 -18.99 13.80
CA HIS C 281 -7.58 -18.40 15.13
C HIS C 281 -6.47 -17.34 15.14
N LYS C 282 -5.49 -17.43 14.24
CA LYS C 282 -4.50 -16.36 14.06
C LYS C 282 -5.09 -15.16 13.33
N TRP C 283 -5.90 -15.43 12.30
CA TRP C 283 -6.58 -14.42 11.50
C TRP C 283 -7.53 -13.61 12.37
N ILE C 284 -8.18 -14.27 13.33
CA ILE C 284 -9.13 -13.59 14.23
C ILE C 284 -8.40 -12.56 15.10
N SER C 285 -7.25 -12.94 15.65
CA SER C 285 -6.49 -12.01 16.51
C SER C 285 -5.91 -10.85 15.71
N ILE C 286 -5.34 -11.15 14.53
CA ILE C 286 -4.75 -10.09 13.70
C ILE C 286 -5.84 -9.15 13.19
N THR C 287 -6.98 -9.68 12.77
CA THR C 287 -8.05 -8.85 12.26
C THR C 287 -8.79 -8.12 13.39
N GLU C 288 -8.80 -8.66 14.60
CA GLU C 288 -9.36 -7.94 15.73
C GLU C 288 -8.49 -6.74 16.09
N ALA C 289 -7.16 -6.91 16.04
CA ALA C 289 -6.26 -5.78 16.22
C ALA C 289 -6.44 -4.74 15.13
N LEU C 290 -6.60 -5.18 13.88
CA LEU C 290 -6.78 -4.23 12.78
C LEU C 290 -8.17 -3.59 12.81
N ALA C 291 -9.15 -4.27 13.39
CA ALA C 291 -10.52 -3.77 13.47
C ALA C 291 -10.77 -2.95 14.72
N PHE C 292 -9.81 -2.89 15.64
CA PHE C 292 -9.90 -1.92 16.74
C PHE C 292 -9.65 -0.45 16.28
N PHE C 293 -9.48 -0.16 14.99
CA PHE C 293 -9.29 1.16 14.42
C PHE C 293 -10.54 2.04 14.49
N HIS C 294 -11.70 1.47 14.85
CA HIS C 294 -12.95 2.22 14.92
C HIS C 294 -12.95 3.28 16.02
N CYS C 295 -12.09 3.15 17.03
CA CYS C 295 -11.89 4.24 17.98
C CYS C 295 -11.08 5.38 17.38
N CYS C 296 -10.14 5.06 16.49
CA CYS C 296 -9.32 6.07 15.84
C CYS C 296 -10.09 6.83 14.78
N LEU C 297 -11.16 6.21 14.23
CA LEU C 297 -11.76 6.68 12.98
C LEU C 297 -12.50 8.00 13.14
N ASN C 298 -13.25 8.17 14.23
CA ASN C 298 -14.02 9.40 14.42
C ASN C 298 -13.17 10.66 14.59
N PRO C 299 -12.08 10.69 15.39
CA PRO C 299 -11.25 11.90 15.38
C PRO C 299 -10.46 12.13 14.09
N ILE C 300 -10.14 11.09 13.33
CA ILE C 300 -9.52 11.31 12.02
C ILE C 300 -10.52 11.93 11.05
N LEU C 301 -11.78 11.50 11.10
CA LEU C 301 -12.82 12.17 10.33
C LEU C 301 -13.10 13.57 10.83
N TYR C 302 -12.86 13.84 12.12
CA TYR C 302 -13.04 15.17 12.65
C TYR C 302 -11.89 16.11 12.29
N ALA C 303 -10.67 15.58 12.17
CA ALA C 303 -9.53 16.41 11.79
C ALA C 303 -9.62 16.85 10.34
N PHE C 304 -10.11 15.97 9.47
CA PHE C 304 -10.47 16.34 8.11
C PHE C 304 -11.93 16.80 8.10
N LEU C 305 -12.51 16.99 6.93
CA LEU C 305 -13.92 17.31 6.83
C LEU C 305 -14.64 16.30 5.94
N LYS D 25 17.40 -24.49 30.63
CA LYS D 25 17.43 -23.04 30.45
C LYS D 25 18.65 -22.61 29.64
N GLU D 26 18.53 -22.64 28.33
CA GLU D 26 19.63 -22.21 27.47
C GLU D 26 19.73 -20.70 27.50
N PRO D 27 20.94 -20.12 27.65
CA PRO D 27 21.05 -18.66 27.80
C PRO D 27 20.72 -17.85 26.56
N CYS D 28 21.24 -18.23 25.39
CA CYS D 28 21.29 -17.30 24.26
C CYS D 28 20.37 -17.68 23.09
N PHE D 29 20.57 -18.87 22.50
CA PHE D 29 20.01 -19.25 21.19
C PHE D 29 20.28 -18.17 20.13
N ARG D 30 21.56 -17.96 19.86
CA ARG D 30 21.98 -16.91 18.94
C ARG D 30 21.67 -17.31 17.49
N GLU D 31 21.11 -16.36 16.73
CA GLU D 31 20.85 -16.58 15.31
C GLU D 31 22.15 -16.47 14.52
N GLU D 32 22.09 -16.91 13.26
CA GLU D 32 23.26 -16.88 12.39
C GLU D 32 23.01 -16.35 10.98
N ASN D 33 21.78 -16.37 10.47
CA ASN D 33 21.54 -16.02 9.07
C ASN D 33 21.43 -14.51 8.85
N ALA D 34 20.38 -13.90 9.41
CA ALA D 34 19.99 -12.50 9.18
C ALA D 34 19.96 -12.16 7.69
N ASN D 35 19.10 -12.88 6.97
CA ASN D 35 19.15 -12.85 5.50
C ASN D 35 18.59 -11.56 4.93
N PHE D 36 17.31 -11.29 5.17
CA PHE D 36 16.68 -10.12 4.54
C PHE D 36 17.07 -8.81 5.21
N ASN D 37 17.54 -8.86 6.46
CA ASN D 37 17.95 -7.64 7.16
C ASN D 37 19.17 -7.00 6.50
N LYS D 38 20.15 -7.82 6.10
CA LYS D 38 21.36 -7.28 5.51
C LYS D 38 21.17 -6.80 4.08
N ILE D 39 20.00 -7.02 3.48
CA ILE D 39 19.69 -6.47 2.16
C ILE D 39 18.62 -5.39 2.23
N PHE D 40 17.84 -5.31 3.31
CA PHE D 40 16.82 -4.29 3.44
C PHE D 40 17.26 -3.09 4.29
N LEU D 41 18.15 -3.32 5.27
CA LEU D 41 18.77 -2.23 6.00
C LEU D 41 19.59 -1.27 5.13
N PRO D 42 20.50 -1.72 4.18
CA PRO D 42 21.30 -0.71 3.47
C PRO D 42 20.52 0.03 2.38
N THR D 43 19.48 -0.59 1.82
CA THR D 43 18.63 0.12 0.86
C THR D 43 17.87 1.25 1.53
N ILE D 44 17.28 0.96 2.69
CA ILE D 44 16.58 1.98 3.47
C ILE D 44 17.55 3.05 3.96
N TYR D 45 18.75 2.62 4.39
CA TYR D 45 19.77 3.57 4.85
C TYR D 45 20.24 4.48 3.72
N SER D 46 20.39 3.94 2.50
CA SER D 46 20.84 4.77 1.39
C SER D 46 19.74 5.71 0.93
N ILE D 47 18.49 5.27 0.97
CA ILE D 47 17.37 6.15 0.61
C ILE D 47 17.26 7.30 1.61
N ILE D 48 17.36 6.99 2.91
CA ILE D 48 17.29 8.01 3.95
C ILE D 48 18.50 8.94 3.86
N PHE D 49 19.69 8.39 3.60
CA PHE D 49 20.90 9.19 3.49
C PHE D 49 20.85 10.16 2.31
N LEU D 50 20.41 9.68 1.14
CA LEU D 50 20.36 10.54 -0.03
C LEU D 50 19.30 11.63 0.11
N THR D 51 18.08 11.25 0.53
CA THR D 51 17.02 12.24 0.64
C THR D 51 17.28 13.21 1.79
N GLY D 52 17.86 12.72 2.90
CA GLY D 52 18.21 13.60 3.99
C GLY D 52 19.34 14.55 3.67
N ILE D 53 20.36 14.09 2.94
CA ILE D 53 21.48 14.96 2.60
C ILE D 53 21.02 16.03 1.61
N VAL D 54 20.13 15.68 0.67
CA VAL D 54 19.64 16.66 -0.30
C VAL D 54 18.73 17.67 0.38
N GLY D 55 17.76 17.18 1.16
CA GLY D 55 16.81 18.08 1.79
C GLY D 55 17.41 18.96 2.86
N ASN D 56 18.30 18.40 3.69
CA ASN D 56 18.92 19.20 4.73
C ASN D 56 19.95 20.16 4.17
N GLY D 57 20.67 19.78 3.10
CA GLY D 57 21.52 20.73 2.43
C GLY D 57 20.76 21.88 1.81
N LEU D 58 19.60 21.58 1.20
CA LEU D 58 18.76 22.64 0.64
C LEU D 58 18.18 23.55 1.72
N VAL D 59 17.72 22.97 2.84
CA VAL D 59 17.12 23.76 3.91
C VAL D 59 18.16 24.65 4.58
N ILE D 60 19.36 24.12 4.83
CA ILE D 60 20.42 24.92 5.42
C ILE D 60 20.91 25.98 4.44
N LEU D 61 21.06 25.62 3.15
CA LEU D 61 21.48 26.57 2.14
C LEU D 61 20.46 27.68 1.89
N VAL D 62 19.19 27.45 2.20
CA VAL D 62 18.19 28.49 1.98
C VAL D 62 17.99 29.35 3.24
N MET D 63 17.79 28.75 4.42
CA MET D 63 17.59 29.57 5.62
C MET D 63 18.72 29.41 6.64
N GLY D 64 19.96 29.35 6.20
CA GLY D 64 21.07 29.54 7.11
C GLY D 64 22.09 30.50 6.53
N TYR D 65 22.02 30.71 5.23
CA TYR D 65 22.94 31.57 4.50
C TYR D 65 22.22 32.72 3.81
N GLN D 66 21.05 32.46 3.21
CA GLN D 66 20.28 33.50 2.54
C GLN D 66 19.30 34.20 3.47
N LYS D 67 19.14 33.70 4.71
CA LYS D 67 18.28 34.28 5.74
C LYS D 67 16.83 34.43 5.28
N LYS D 68 16.29 33.33 4.74
CA LYS D 68 14.92 33.33 4.23
C LYS D 68 13.89 33.31 5.36
N LEU D 69 14.28 32.77 6.52
CA LEU D 69 13.34 32.48 7.60
C LEU D 69 12.74 33.75 8.22
N ARG D 70 11.45 33.68 8.53
CA ARG D 70 10.71 34.79 9.13
C ARG D 70 10.19 34.45 10.52
N SER D 71 9.50 33.33 10.69
CA SER D 71 8.89 33.00 11.97
C SER D 71 9.89 32.30 12.88
N MET D 72 9.53 32.20 14.16
CA MET D 72 10.37 31.53 15.14
C MET D 72 10.30 30.01 15.03
N THR D 73 9.33 29.46 14.31
CA THR D 73 9.29 28.02 14.08
C THR D 73 10.42 27.59 13.15
N ASP D 74 10.77 28.44 12.18
CA ASP D 74 11.78 28.10 11.20
C ASP D 74 13.18 28.05 11.79
N LYS D 75 13.45 28.78 12.89
CA LYS D 75 14.75 28.67 13.56
C LYS D 75 14.93 27.30 14.19
N TYR D 76 13.89 26.79 14.85
CA TYR D 76 13.98 25.44 15.41
C TYR D 76 13.95 24.38 14.33
N ARG D 77 13.27 24.65 13.21
CA ARG D 77 13.35 23.72 12.09
C ARG D 77 14.74 23.71 11.47
N LEU D 78 15.43 24.85 11.49
CA LEU D 78 16.83 24.91 11.06
C LEU D 78 17.72 24.10 12.01
N HIS D 79 17.47 24.20 13.32
CA HIS D 79 18.23 23.39 14.28
C HIS D 79 17.96 21.89 14.09
N LEU D 80 16.71 21.53 13.83
CA LEU D 80 16.34 20.15 13.55
C LEU D 80 17.01 19.65 12.28
N SER D 81 17.10 20.51 11.26
CA SER D 81 17.79 20.14 10.03
C SER D 81 19.29 20.02 10.23
N VAL D 82 19.87 20.81 11.15
CA VAL D 82 21.29 20.66 11.49
C VAL D 82 21.55 19.30 12.13
N ALA D 83 20.69 18.91 13.08
CA ALA D 83 20.82 17.60 13.71
C ALA D 83 20.60 16.45 12.72
N ASP D 84 19.64 16.62 11.82
CA ASP D 84 19.39 15.61 10.79
C ASP D 84 20.54 15.53 9.79
N LEU D 85 21.17 16.66 9.48
CA LEU D 85 22.35 16.67 8.63
C LEU D 85 23.49 15.91 9.29
N LEU D 86 23.69 16.13 10.59
CA LEU D 86 24.75 15.44 11.32
C LEU D 86 24.52 13.94 11.37
N PHE D 87 23.27 13.51 11.55
CA PHE D 87 23.00 12.06 11.57
C PHE D 87 23.10 11.45 10.17
N VAL D 88 22.64 12.18 9.15
CA VAL D 88 22.61 11.65 7.79
C VAL D 88 24.02 11.51 7.24
N ILE D 89 24.92 12.45 7.56
CA ILE D 89 26.28 12.38 7.04
C ILE D 89 27.07 11.22 7.65
N THR D 90 26.61 10.66 8.78
CA THR D 90 27.26 9.50 9.37
C THR D 90 26.51 8.19 9.11
N LEU D 91 25.27 8.26 8.61
CA LEU D 91 24.48 7.09 8.20
C LEU D 91 25.13 6.09 7.20
N PRO D 92 26.01 6.48 6.27
CA PRO D 92 26.71 5.44 5.47
C PRO D 92 27.59 4.51 6.29
N PHE D 93 28.06 4.92 7.47
CA PHE D 93 28.73 3.98 8.35
C PHE D 93 27.77 2.91 8.84
N TRP D 94 26.52 3.30 9.11
CA TRP D 94 25.49 2.31 9.46
C TRP D 94 25.16 1.40 8.27
N ALA D 95 25.21 1.94 7.04
CA ALA D 95 24.99 1.10 5.87
C ALA D 95 26.12 0.08 5.68
N VAL D 96 27.37 0.50 5.91
CA VAL D 96 28.50 -0.42 5.83
C VAL D 96 28.44 -1.45 6.95
N ASP D 97 27.99 -1.03 8.14
CA ASP D 97 27.79 -1.95 9.27
C ASP D 97 26.65 -2.93 8.95
N ALA D 98 25.71 -2.53 8.10
CA ALA D 98 24.69 -3.47 7.64
C ALA D 98 25.27 -4.49 6.67
N VAL D 99 26.08 -4.05 5.70
CA VAL D 99 26.55 -4.97 4.67
C VAL D 99 27.77 -5.73 5.19
N ALA D 100 28.83 -5.01 5.55
CA ALA D 100 30.05 -5.59 6.11
C ALA D 100 29.97 -5.43 7.63
N ASN D 101 31.07 -5.62 8.33
CA ASN D 101 31.14 -5.19 9.71
C ASN D 101 32.11 -4.02 9.83
N TRP D 102 32.32 -3.55 11.05
CA TRP D 102 33.09 -2.34 11.28
C TRP D 102 34.57 -2.57 11.02
N TYR D 103 35.11 -1.88 10.02
CA TYR D 103 36.53 -1.93 9.68
C TYR D 103 37.23 -0.60 9.94
N PHE D 104 36.65 0.23 10.82
CA PHE D 104 37.15 1.60 11.01
C PHE D 104 37.83 1.85 12.35
N GLY D 105 37.49 1.09 13.38
CA GLY D 105 38.17 1.23 14.65
C GLY D 105 37.27 1.74 15.76
N ASN D 106 37.91 2.06 16.89
CA ASN D 106 37.18 2.48 18.08
C ASN D 106 36.66 3.91 17.95
N PHE D 107 37.48 4.80 17.39
CA PHE D 107 37.15 6.22 17.40
C PHE D 107 35.99 6.54 16.45
N LEU D 108 35.97 5.89 15.29
CA LEU D 108 34.86 6.11 14.35
C LEU D 108 33.55 5.53 14.90
N CYS D 109 33.63 4.39 15.59
CA CYS D 109 32.45 3.81 16.23
C CYS D 109 31.92 4.71 17.33
N LYS D 110 32.83 5.29 18.13
CA LYS D 110 32.43 6.25 19.16
C LYS D 110 31.80 7.50 18.56
N ALA D 111 32.37 8.00 17.46
CA ALA D 111 31.83 9.19 16.80
C ALA D 111 30.45 8.94 16.21
N VAL D 112 30.27 7.76 15.60
CA VAL D 112 28.97 7.38 15.03
C VAL D 112 27.92 7.31 16.12
N HIS D 113 28.27 6.68 17.25
CA HIS D 113 27.29 6.51 18.33
C HIS D 113 26.98 7.82 19.03
N VAL D 114 27.98 8.69 19.24
CA VAL D 114 27.71 9.98 19.89
C VAL D 114 26.89 10.88 18.98
N ILE D 115 27.11 10.81 17.65
CA ILE D 115 26.32 11.62 16.73
C ILE D 115 24.87 11.12 16.67
N TYR D 116 24.69 9.79 16.68
CA TYR D 116 23.34 9.22 16.66
C TYR D 116 22.58 9.55 17.95
N THR D 117 23.24 9.46 19.11
CA THR D 117 22.57 9.78 20.37
C THR D 117 22.23 11.26 20.46
N VAL D 118 23.15 12.13 20.00
CA VAL D 118 22.92 13.58 20.00
C VAL D 118 21.75 13.95 19.11
N ASN D 119 21.67 13.34 17.92
CA ASN D 119 20.55 13.61 17.02
C ASN D 119 19.24 13.08 17.58
N LEU D 120 19.27 11.88 18.17
CA LEU D 120 18.06 11.23 18.67
C LEU D 120 17.44 11.99 19.83
N TYR D 121 18.26 12.54 20.73
CA TYR D 121 17.70 13.39 21.77
C TYR D 121 17.39 14.80 21.25
N SER D 122 18.20 15.31 20.31
CA SER D 122 18.08 16.70 19.90
C SER D 122 16.81 16.94 19.12
N SER D 123 16.40 15.98 18.28
CA SER D 123 15.17 16.13 17.51
C SER D 123 13.94 16.20 18.41
N VAL D 124 13.88 15.34 19.43
CA VAL D 124 12.68 15.31 20.26
C VAL D 124 12.64 16.52 21.22
N LEU D 125 13.78 16.98 21.76
CA LEU D 125 13.70 18.21 22.55
C LEU D 125 13.48 19.46 21.70
N ILE D 126 13.95 19.46 20.45
CA ILE D 126 13.62 20.57 19.54
C ILE D 126 12.12 20.58 19.23
N LEU D 127 11.53 19.41 19.03
CA LEU D 127 10.09 19.33 18.76
C LEU D 127 9.27 19.73 19.98
N ALA D 128 9.75 19.40 21.18
CA ALA D 128 9.10 19.89 22.41
C ALA D 128 9.20 21.41 22.50
N PHE D 129 10.33 21.98 22.08
CA PHE D 129 10.46 23.44 22.06
C PHE D 129 9.53 24.08 21.04
N ILE D 130 9.32 23.42 19.88
CA ILE D 130 8.41 23.92 18.87
C ILE D 130 6.97 23.92 19.40
N SER D 131 6.58 22.84 20.09
CA SER D 131 5.23 22.78 20.65
C SER D 131 5.04 23.80 21.77
N LEU D 132 6.09 24.05 22.56
CA LEU D 132 6.00 25.07 23.61
C LEU D 132 5.90 26.48 23.01
N ASP D 133 6.62 26.72 21.91
CA ASP D 133 6.54 28.01 21.21
C ASP D 133 5.14 28.19 20.64
N ARG D 134 4.56 27.12 20.08
CA ARG D 134 3.21 27.20 19.53
C ARG D 134 2.18 27.45 20.63
N TYR D 135 2.36 26.84 21.81
CA TYR D 135 1.48 27.10 22.95
C TYR D 135 1.58 28.55 23.41
N LEU D 136 2.80 29.08 23.50
CA LEU D 136 2.99 30.47 23.89
C LEU D 136 2.45 31.45 22.85
N ALA D 137 2.56 31.11 21.57
CA ALA D 137 2.06 31.99 20.52
C ALA D 137 0.55 31.94 20.39
N ILE D 138 -0.07 30.81 20.74
CA ILE D 138 -1.52 30.71 20.62
C ILE D 138 -2.21 31.32 21.84
N VAL D 139 -1.84 30.90 23.04
CA VAL D 139 -2.62 31.34 24.20
C VAL D 139 -2.13 32.67 24.78
N HIS D 140 -0.83 32.99 24.65
CA HIS D 140 -0.32 34.29 25.07
C HIS D 140 -0.09 35.13 23.82
N ALA D 141 -1.18 35.64 23.26
CA ALA D 141 -1.13 36.38 22.01
C ALA D 141 -0.86 37.87 22.21
N THR D 142 -0.74 38.33 23.46
CA THR D 142 -0.57 39.74 23.75
C THR D 142 0.79 40.06 24.37
N ASN D 143 1.17 39.36 25.42
CA ASN D 143 2.37 39.70 26.19
C ASN D 143 3.55 38.79 25.90
N SER D 144 3.50 37.98 24.86
CA SER D 144 4.57 37.03 24.53
C SER D 144 5.03 37.26 23.09
N GLN D 145 5.94 38.21 22.90
CA GLN D 145 6.64 38.38 21.63
C GLN D 145 8.14 38.45 21.90
N ARG D 146 8.50 39.01 23.05
CA ARG D 146 9.87 39.06 23.55
C ARG D 146 10.32 37.76 24.24
N PRO D 147 9.49 37.06 25.06
CA PRO D 147 9.89 35.70 25.46
C PRO D 147 10.05 34.73 24.30
N ARG D 148 9.26 34.87 23.23
CA ARG D 148 9.46 34.02 22.05
C ARG D 148 10.78 34.33 21.36
N LYS D 149 11.16 35.61 21.30
CA LYS D 149 12.45 35.98 20.73
C LYS D 149 13.61 35.46 21.58
N LEU D 150 13.48 35.55 22.91
CA LEU D 150 14.50 35.02 23.81
C LEU D 150 14.59 33.49 23.68
N LEU D 151 13.43 32.84 23.53
CA LEU D 151 13.39 31.39 23.31
C LEU D 151 14.07 31.00 22.01
N ALA D 152 13.85 31.77 20.95
CA ALA D 152 14.47 31.46 19.67
C ALA D 152 15.96 31.79 19.63
N GLU D 153 16.42 32.72 20.46
CA GLU D 153 17.80 33.18 20.37
C GLU D 153 18.73 32.55 21.41
N LYS D 154 18.44 32.70 22.71
CA LYS D 154 19.44 32.44 23.73
C LYS D 154 19.28 31.11 24.46
N VAL D 155 18.11 30.86 25.06
CA VAL D 155 17.97 29.79 26.03
C VAL D 155 17.84 28.42 25.35
N VAL D 156 17.54 28.39 24.05
CA VAL D 156 17.32 27.11 23.35
C VAL D 156 18.61 26.29 23.24
N TYR D 157 19.79 26.94 23.28
CA TYR D 157 21.05 26.21 23.19
C TYR D 157 21.27 25.33 24.42
N VAL D 158 21.15 25.92 25.61
CA VAL D 158 21.18 25.12 26.84
C VAL D 158 19.89 24.35 27.06
N GLY D 159 18.85 24.61 26.27
CA GLY D 159 17.64 23.84 26.33
C GLY D 159 17.74 22.48 25.66
N VAL D 160 18.25 22.43 24.43
CA VAL D 160 18.32 21.17 23.68
C VAL D 160 19.77 20.69 23.49
N TRP D 161 20.68 21.57 23.06
CA TRP D 161 21.98 21.07 22.61
C TRP D 161 22.90 20.69 23.77
N ILE D 162 22.86 21.44 24.87
CA ILE D 162 23.61 21.10 26.07
C ILE D 162 23.09 19.81 26.72
N PRO D 163 21.77 19.57 26.90
CA PRO D 163 21.37 18.24 27.40
C PRO D 163 21.61 17.11 26.40
N ALA D 164 21.60 17.39 25.09
CA ALA D 164 21.91 16.36 24.11
C ALA D 164 23.36 15.89 24.23
N LEU D 165 24.29 16.82 24.44
CA LEU D 165 25.68 16.46 24.68
C LEU D 165 25.89 15.90 26.08
N LEU D 166 25.03 16.27 27.04
CA LEU D 166 25.18 15.75 28.39
C LEU D 166 24.66 14.32 28.51
N LEU D 167 23.67 13.94 27.71
CA LEU D 167 23.06 12.62 27.82
C LEU D 167 23.82 11.53 27.09
N THR D 168 24.91 11.86 26.39
CA THR D 168 25.69 10.85 25.68
C THR D 168 27.05 10.62 26.32
N ILE D 169 27.21 11.01 27.60
CA ILE D 169 28.43 10.68 28.33
C ILE D 169 28.63 9.17 28.51
N PRO D 170 27.62 8.37 28.95
CA PRO D 170 27.86 6.91 28.98
C PRO D 170 28.03 6.29 27.59
N ASP D 171 27.48 6.91 26.56
CA ASP D 171 27.76 6.48 25.19
C ASP D 171 29.22 6.80 24.87
N PHE D 172 29.75 7.90 25.39
CA PHE D 172 31.14 8.27 25.12
C PHE D 172 32.11 7.34 25.83
N ILE D 173 31.78 6.86 27.02
CA ILE D 173 32.72 5.99 27.74
C ILE D 173 32.35 4.51 27.64
N PHE D 174 31.31 4.15 26.91
CA PHE D 174 30.81 2.78 26.92
C PHE D 174 30.74 2.12 25.55
N ALA D 175 31.06 2.83 24.48
CA ALA D 175 30.93 2.29 23.12
C ALA D 175 32.31 1.85 22.62
N ASN D 176 32.55 0.55 22.64
CA ASN D 176 33.81 -0.04 22.18
C ASN D 176 33.52 -1.10 21.12
N VAL D 177 34.59 -1.66 20.57
CA VAL D 177 34.50 -2.73 19.57
C VAL D 177 35.16 -3.97 20.15
N SER D 178 34.45 -5.09 20.10
CA SER D 178 34.92 -6.33 20.69
C SER D 178 35.70 -7.15 19.67
N GLU D 179 36.11 -8.36 20.07
CA GLU D 179 36.89 -9.26 19.23
C GLU D 179 36.09 -10.56 19.08
N ALA D 180 35.19 -10.59 18.12
CA ALA D 180 34.42 -11.78 17.80
C ALA D 180 35.15 -12.59 16.74
N ASP D 181 34.47 -13.57 16.12
CA ASP D 181 35.10 -14.42 15.12
C ASP D 181 35.36 -13.66 13.82
N ASP D 182 36.53 -12.98 13.80
CA ASP D 182 36.95 -11.97 12.80
C ASP D 182 35.81 -11.07 12.34
N ARG D 183 35.11 -10.50 13.31
CA ARG D 183 33.95 -9.65 13.05
C ARG D 183 34.24 -8.17 13.25
N TYR D 184 34.73 -7.79 14.44
CA TYR D 184 34.89 -6.39 14.87
C TYR D 184 33.56 -5.65 14.83
N ILE D 185 32.64 -6.08 15.70
CA ILE D 185 31.30 -5.53 15.75
C ILE D 185 31.29 -4.28 16.62
N CYS D 186 30.72 -3.19 16.11
CA CYS D 186 30.57 -1.93 16.82
C CYS D 186 29.18 -1.84 17.45
N ASP D 187 29.14 -1.80 18.78
CA ASP D 187 27.93 -1.56 19.54
C ASP D 187 28.35 -1.10 20.94
N ARG D 188 27.44 -0.43 21.63
CA ARG D 188 27.70 -0.03 23.00
C ARG D 188 27.65 -1.25 23.91
N PHE D 189 28.66 -1.39 24.76
CA PHE D 189 28.83 -2.58 25.57
C PHE D 189 28.77 -2.21 27.05
N TYR D 190 28.20 -3.11 27.84
CA TYR D 190 27.88 -2.85 29.24
C TYR D 190 28.40 -3.98 30.11
N PRO D 191 28.76 -3.70 31.36
CA PRO D 191 29.26 -4.77 32.25
C PRO D 191 28.20 -5.81 32.60
N ASN D 192 26.93 -5.44 32.65
CA ASN D 192 25.87 -6.39 32.97
C ASN D 192 24.57 -5.92 32.32
N ASP D 193 23.55 -6.76 32.44
CA ASP D 193 22.26 -6.46 31.83
C ASP D 193 21.49 -5.36 32.55
N LEU D 194 21.79 -5.14 33.83
CA LEU D 194 21.08 -4.12 34.61
C LEU D 194 21.32 -2.72 34.04
N TRP D 195 22.56 -2.44 33.63
CA TRP D 195 22.87 -1.19 32.96
C TRP D 195 22.16 -1.08 31.61
N VAL D 196 21.99 -2.21 30.92
CA VAL D 196 21.29 -2.21 29.63
C VAL D 196 19.83 -1.82 29.81
N VAL D 197 19.14 -2.43 30.78
CA VAL D 197 17.75 -2.06 31.03
C VAL D 197 17.62 -0.65 31.61
N VAL D 198 18.58 -0.22 32.44
CA VAL D 198 18.51 1.11 33.03
C VAL D 198 18.65 2.18 31.95
N PHE D 199 19.61 2.02 31.04
CA PHE D 199 19.76 3.02 29.99
C PHE D 199 18.71 2.90 28.89
N GLN D 200 18.16 1.70 28.67
CA GLN D 200 17.03 1.55 27.75
C GLN D 200 15.79 2.23 28.30
N PHE D 201 15.53 2.09 29.61
CA PHE D 201 14.40 2.77 30.24
C PHE D 201 14.61 4.28 30.28
N GLN D 202 15.85 4.72 30.47
CA GLN D 202 16.17 6.14 30.42
C GLN D 202 15.94 6.71 29.02
N HIS D 203 16.35 5.97 27.98
CA HIS D 203 16.10 6.40 26.61
C HIS D 203 14.61 6.42 26.30
N ILE D 204 13.86 5.43 26.79
CA ILE D 204 12.41 5.39 26.60
C ILE D 204 11.76 6.61 27.28
N MET D 205 12.20 6.93 28.49
CA MET D 205 11.65 8.06 29.23
C MET D 205 11.92 9.39 28.52
N VAL D 206 13.20 9.72 28.32
CA VAL D 206 13.56 11.01 27.72
C VAL D 206 13.18 11.08 26.24
N GLY D 207 12.94 9.97 25.56
CA GLY D 207 12.51 10.04 24.19
C GLY D 207 11.00 10.04 23.97
N LEU D 208 10.23 9.50 24.91
CA LEU D 208 8.80 9.41 24.63
C LEU D 208 7.92 9.95 25.75
N ILE D 209 8.30 9.76 27.01
CA ILE D 209 7.35 9.98 28.11
C ILE D 209 7.27 11.46 28.47
N LEU D 210 8.41 12.06 28.82
CA LEU D 210 8.38 13.45 29.28
C LEU D 210 8.19 14.47 28.14
N PRO D 211 8.97 14.47 27.04
CA PRO D 211 8.65 15.46 25.98
C PRO D 211 7.38 15.13 25.23
N GLY D 212 6.98 13.86 25.18
CA GLY D 212 5.70 13.51 24.60
C GLY D 212 4.53 14.06 25.38
N ILE D 213 4.60 13.97 26.71
CA ILE D 213 3.52 14.52 27.52
C ILE D 213 3.60 16.05 27.56
N VAL D 214 4.78 16.64 27.35
CA VAL D 214 4.89 18.09 27.24
C VAL D 214 4.22 18.59 25.97
N ILE D 215 4.49 17.92 24.84
CA ILE D 215 3.87 18.25 23.55
C ILE D 215 2.37 18.03 23.62
N LEU D 216 1.94 16.93 24.26
CA LEU D 216 0.52 16.62 24.35
C LEU D 216 -0.22 17.61 25.24
N SER D 217 0.38 18.03 26.35
CA SER D 217 -0.24 19.03 27.22
C SER D 217 -0.34 20.38 26.53
N CYS D 218 0.74 20.80 25.84
CA CYS D 218 0.71 22.08 25.13
C CYS D 218 -0.32 22.08 24.00
N TYR D 219 -0.44 20.97 23.27
CA TYR D 219 -1.45 20.91 22.22
C TYR D 219 -2.86 20.78 22.79
N CYS D 220 -3.01 20.20 23.98
CA CYS D 220 -4.31 20.16 24.63
C CYS D 220 -4.78 21.57 25.02
N ILE D 221 -3.88 22.38 25.58
CA ILE D 221 -4.23 23.77 25.87
C ILE D 221 -4.46 24.56 24.58
N ILE D 222 -3.71 24.25 23.51
CA ILE D 222 -3.91 24.92 22.22
C ILE D 222 -5.30 24.65 21.66
N ILE D 223 -5.73 23.38 21.68
CA ILE D 223 -7.04 23.01 21.17
C ILE D 223 -8.14 23.54 22.08
N SER D 224 -7.90 23.55 23.39
CA SER D 224 -8.90 24.07 24.34
C SER D 224 -9.11 25.57 24.18
N LYS D 225 -8.04 26.33 23.94
CA LYS D 225 -8.16 27.77 23.77
C LYS D 225 -8.42 28.19 22.34
N LEU D 226 -8.36 27.26 21.38
CA LEU D 226 -8.59 27.59 19.98
C LEU D 226 -10.06 27.54 19.59
N SER D 227 -10.89 26.81 20.35
CA SER D 227 -12.32 26.71 20.03
C SER D 227 -13.08 27.99 20.32
N HIS D 228 -12.51 28.91 21.10
CA HIS D 228 -13.16 30.19 21.38
C HIS D 228 -13.01 31.19 20.24
N SER D 229 -12.12 30.92 19.28
CA SER D 229 -11.93 31.82 18.15
C SER D 229 -13.07 31.70 17.15
N LYS D 230 -13.36 32.80 16.47
CA LYS D 230 -14.42 32.85 15.47
C LYS D 230 -13.83 32.65 14.07
N GLY D 231 -13.34 31.45 13.84
CA GLY D 231 -12.81 31.06 12.54
C GLY D 231 -11.58 31.80 12.09
N HIS D 232 -10.60 31.95 12.99
CA HIS D 232 -9.39 32.70 12.66
C HIS D 232 -8.47 31.88 11.77
N GLN D 233 -7.54 32.59 11.12
CA GLN D 233 -6.61 31.99 10.18
C GLN D 233 -5.35 31.46 10.85
N LYS D 234 -5.14 31.76 12.14
CA LYS D 234 -3.92 31.40 12.84
C LYS D 234 -3.76 29.90 13.08
N ARG D 235 -4.80 29.10 12.88
CA ARG D 235 -4.70 27.66 13.00
C ARG D 235 -4.16 27.00 11.73
N LYS D 236 -3.99 27.76 10.65
CA LYS D 236 -3.45 27.19 9.41
C LYS D 236 -1.97 26.86 9.54
N ALA D 237 -1.23 27.63 10.35
CA ALA D 237 0.16 27.31 10.63
C ALA D 237 0.33 26.19 11.63
N LEU D 238 -0.74 25.83 12.35
CA LEU D 238 -0.68 24.70 13.28
C LEU D 238 -0.70 23.36 12.56
N LYS D 239 -1.20 23.32 11.32
CA LYS D 239 -1.35 22.06 10.60
C LYS D 239 -0.01 21.45 10.22
N THR D 240 0.93 22.29 9.75
CA THR D 240 2.27 21.80 9.39
C THR D 240 3.02 21.29 10.62
N THR D 241 2.89 22.00 11.73
CA THR D 241 3.54 21.59 12.97
C THR D 241 2.95 20.29 13.52
N VAL D 242 1.62 20.14 13.46
CA VAL D 242 1.02 18.92 13.97
C VAL D 242 1.28 17.75 13.03
N ILE D 243 1.47 18.00 11.73
CA ILE D 243 1.84 16.94 10.81
C ILE D 243 3.27 16.49 11.08
N LEU D 244 4.17 17.43 11.34
CA LEU D 244 5.55 17.10 11.69
C LEU D 244 5.63 16.30 13.00
N ILE D 245 4.87 16.72 14.02
CA ILE D 245 4.88 16.04 15.32
C ILE D 245 4.29 14.63 15.18
N LEU D 246 3.17 14.50 14.48
CA LEU D 246 2.52 13.20 14.31
C LEU D 246 3.36 12.26 13.47
N ALA D 247 4.03 12.79 12.45
CA ALA D 247 4.90 11.95 11.61
C ALA D 247 6.13 11.48 12.38
N PHE D 248 6.72 12.35 13.21
CA PHE D 248 7.85 11.95 14.03
C PHE D 248 7.47 10.88 15.04
N PHE D 249 6.32 11.05 15.71
CA PHE D 249 5.92 10.09 16.74
C PHE D 249 5.46 8.78 16.12
N ALA D 250 4.76 8.82 14.99
CA ALA D 250 4.37 7.60 14.31
C ALA D 250 5.56 6.89 13.67
N CYS D 251 6.63 7.61 13.35
CA CYS D 251 7.84 6.95 12.90
C CYS D 251 8.54 6.25 14.06
N TRP D 252 8.67 6.94 15.20
CA TRP D 252 9.49 6.41 16.29
C TRP D 252 8.75 5.46 17.23
N LEU D 253 7.42 5.36 17.14
CA LEU D 253 6.66 4.50 18.05
C LEU D 253 6.92 2.98 17.96
N PRO D 254 7.02 2.34 16.77
CA PRO D 254 7.35 0.90 16.78
C PRO D 254 8.72 0.56 17.36
N TYR D 255 9.71 1.44 17.19
CA TYR D 255 11.01 1.22 17.82
C TYR D 255 10.91 1.31 19.33
N TYR D 256 10.12 2.25 19.84
CA TYR D 256 9.95 2.38 21.28
C TYR D 256 9.19 1.20 21.86
N ILE D 257 8.21 0.67 21.12
CA ILE D 257 7.51 -0.53 21.55
C ILE D 257 8.45 -1.74 21.55
N GLY D 258 9.31 -1.83 20.52
CA GLY D 258 10.25 -2.94 20.45
C GLY D 258 11.29 -2.94 21.55
N ILE D 259 11.86 -1.77 21.85
CA ILE D 259 12.83 -1.73 22.94
C ILE D 259 12.18 -1.77 24.32
N SER D 260 10.90 -1.37 24.45
CA SER D 260 10.19 -1.58 25.72
C SER D 260 9.95 -3.06 25.95
N ILE D 261 9.58 -3.79 24.89
CA ILE D 261 9.37 -5.23 25.00
C ILE D 261 10.71 -5.95 25.23
N ASP D 262 11.80 -5.44 24.65
CA ASP D 262 13.12 -6.01 24.90
C ASP D 262 13.58 -5.81 26.34
N SER D 263 13.38 -4.60 26.87
CA SER D 263 13.69 -4.36 28.28
C SER D 263 12.75 -5.10 29.22
N PHE D 264 11.58 -5.54 28.73
CA PHE D 264 10.70 -6.35 29.56
C PHE D 264 11.01 -7.85 29.48
N ILE D 265 11.53 -8.34 28.35
CA ILE D 265 11.93 -9.76 28.34
C ILE D 265 13.25 -9.89 29.10
N LEU D 266 14.03 -8.82 29.16
CA LEU D 266 15.10 -8.76 30.14
C LEU D 266 14.51 -8.69 31.56
N LEU D 267 15.40 -8.89 32.55
CA LEU D 267 15.08 -9.17 33.97
C LEU D 267 14.16 -10.38 34.15
N GLU D 268 14.20 -11.34 33.22
CA GLU D 268 13.62 -12.69 33.37
C GLU D 268 12.11 -12.65 33.62
N ILE D 269 11.40 -11.93 32.75
CA ILE D 269 9.94 -11.83 32.83
C ILE D 269 9.26 -12.56 31.67
N ILE D 270 9.75 -12.34 30.45
CA ILE D 270 9.16 -12.94 29.25
C ILE D 270 10.17 -13.92 28.67
N LYS D 271 10.91 -14.59 29.56
CA LYS D 271 12.01 -15.49 29.20
C LYS D 271 11.55 -16.73 28.44
N GLN D 272 10.24 -17.04 28.45
CA GLN D 272 9.73 -18.29 27.89
C GLN D 272 9.89 -18.40 26.37
N GLY D 273 10.16 -17.30 25.68
CA GLY D 273 10.41 -17.37 24.25
C GLY D 273 11.87 -17.16 23.89
N CYS D 274 12.51 -18.19 23.32
CA CYS D 274 13.85 -18.07 22.79
C CYS D 274 13.89 -17.64 21.34
N GLU D 275 12.90 -18.07 20.55
CA GLU D 275 12.69 -17.51 19.23
C GLU D 275 12.08 -16.12 19.32
N PHE D 276 11.38 -15.84 20.41
CA PHE D 276 10.80 -14.50 20.63
C PHE D 276 11.89 -13.46 20.81
N GLU D 277 13.01 -13.84 21.42
CA GLU D 277 14.14 -12.92 21.57
C GLU D 277 14.72 -12.52 20.21
N ASN D 278 14.85 -13.49 19.31
CA ASN D 278 15.33 -13.20 17.95
C ASN D 278 14.31 -12.37 17.19
N THR D 279 13.02 -12.63 17.41
CA THR D 279 11.96 -11.85 16.77
C THR D 279 11.98 -10.39 17.20
N VAL D 280 12.17 -10.15 18.51
CA VAL D 280 12.25 -8.79 19.01
C VAL D 280 13.53 -8.10 18.55
N HIS D 281 14.65 -8.85 18.53
CA HIS D 281 15.91 -8.26 18.08
C HIS D 281 15.97 -8.04 16.57
N LYS D 282 15.10 -8.67 15.79
CA LYS D 282 14.95 -8.31 14.39
C LYS D 282 13.95 -7.18 14.18
N TRP D 283 12.90 -7.15 14.99
CA TRP D 283 11.91 -6.08 14.93
C TRP D 283 12.53 -4.74 15.29
N ILE D 284 13.43 -4.73 16.28
CA ILE D 284 14.09 -3.51 16.70
C ILE D 284 14.95 -2.95 15.57
N SER D 285 15.69 -3.82 14.87
CA SER D 285 16.51 -3.39 13.75
C SER D 285 15.68 -2.87 12.58
N ILE D 286 14.61 -3.60 12.22
CA ILE D 286 13.78 -3.22 11.08
C ILE D 286 13.03 -1.91 11.34
N THR D 287 12.36 -1.78 12.49
CA THR D 287 11.68 -0.52 12.75
C THR D 287 12.62 0.59 13.22
N GLU D 288 13.87 0.27 13.56
CA GLU D 288 14.84 1.35 13.74
C GLU D 288 15.28 1.93 12.41
N ALA D 289 15.49 1.07 11.41
CA ALA D 289 15.75 1.53 10.06
C ALA D 289 14.56 2.31 9.50
N LEU D 290 13.34 1.87 9.82
CA LEU D 290 12.15 2.60 9.38
C LEU D 290 11.93 3.87 10.19
N ALA D 291 12.39 3.92 11.44
CA ALA D 291 12.25 5.10 12.29
C ALA D 291 13.35 6.11 12.08
N PHE D 292 14.39 5.77 11.31
CA PHE D 292 15.37 6.76 10.88
C PHE D 292 14.85 7.65 9.76
N PHE D 293 13.61 7.47 9.31
CA PHE D 293 12.94 8.30 8.32
C PHE D 293 12.54 9.67 8.85
N HIS D 294 12.73 9.94 10.14
CA HIS D 294 12.40 11.25 10.69
C HIS D 294 13.33 12.36 10.18
N CYS D 295 14.53 12.01 9.73
CA CYS D 295 15.38 12.99 9.07
C CYS D 295 14.89 13.26 7.65
N CYS D 296 14.22 12.30 7.05
CA CYS D 296 13.75 12.42 5.67
C CYS D 296 12.52 13.32 5.57
N LEU D 297 11.70 13.37 6.62
CA LEU D 297 10.37 13.95 6.52
C LEU D 297 10.33 15.46 6.80
N ASN D 298 11.32 15.99 7.51
CA ASN D 298 11.35 17.43 7.78
C ASN D 298 11.50 18.30 6.53
N PRO D 299 12.38 18.01 5.54
CA PRO D 299 12.31 18.78 4.29
C PRO D 299 11.24 18.30 3.34
N ILE D 300 10.70 17.10 3.55
CA ILE D 300 9.54 16.64 2.78
C ILE D 300 8.34 17.53 3.09
N LEU D 301 8.18 17.91 4.36
CA LEU D 301 7.16 18.88 4.72
C LEU D 301 7.45 20.26 4.14
N TYR D 302 8.72 20.58 3.90
CA TYR D 302 9.06 21.85 3.27
C TYR D 302 8.80 21.85 1.77
N ALA D 303 8.88 20.68 1.14
CA ALA D 303 8.55 20.58 -0.28
C ALA D 303 7.07 20.86 -0.52
N PHE D 304 6.21 20.36 0.36
CA PHE D 304 4.79 20.67 0.33
C PHE D 304 4.53 21.89 1.22
N LEU D 305 3.27 22.16 1.51
CA LEU D 305 2.92 23.27 2.39
C LEU D 305 2.40 22.76 3.73
N ASN E 1 1.43 -48.65 -14.59
CA ASN E 1 0.94 -47.35 -15.00
C ASN E 1 0.47 -46.52 -13.81
N LYS E 2 1.21 -45.47 -13.48
CA LYS E 2 0.81 -44.57 -12.41
C LYS E 2 -0.39 -43.74 -12.85
N THR E 3 -1.33 -43.55 -11.94
CA THR E 3 -2.61 -42.93 -12.26
C THR E 3 -2.91 -41.77 -11.31
N VAL E 4 -3.89 -40.98 -11.70
CA VAL E 4 -4.35 -39.81 -10.96
C VAL E 4 -5.88 -39.85 -10.99
N LEU E 5 -6.53 -38.83 -10.40
CA LEU E 5 -7.97 -38.67 -10.50
C LEU E 5 -8.38 -38.54 -11.97
N PRO E 6 -9.34 -39.36 -12.45
CA PRO E 6 -9.41 -39.67 -13.89
C PRO E 6 -9.76 -38.55 -14.85
N ILE E 7 -10.91 -37.89 -14.65
CA ILE E 7 -11.44 -37.01 -15.68
C ILE E 7 -11.45 -35.62 -15.03
N MET E 8 -10.47 -35.39 -14.16
CA MET E 8 -10.30 -34.07 -13.57
C MET E 8 -9.40 -33.25 -14.49
N SER E 9 -10.02 -32.66 -15.51
CA SER E 9 -9.31 -31.86 -16.51
C SER E 9 -10.20 -30.66 -16.84
N GLY E 10 -9.93 -29.53 -16.18
CA GLY E 10 -10.73 -28.35 -16.36
C GLY E 10 -9.98 -27.04 -16.24
N PHE E 11 -10.71 -25.95 -16.00
CA PHE E 11 -10.09 -24.65 -15.77
C PHE E 11 -9.30 -24.64 -14.48
N LYS E 12 -9.83 -25.28 -13.44
CA LYS E 12 -9.13 -25.46 -12.18
C LYS E 12 -9.18 -26.92 -11.79
N PHE E 13 -8.24 -27.31 -10.92
CA PHE E 13 -8.05 -28.70 -10.45
C PHE E 13 -7.87 -29.67 -11.61
N HIS E 14 -7.03 -29.29 -12.57
CA HIS E 14 -6.72 -30.13 -13.73
C HIS E 14 -5.36 -30.78 -13.54
N SER E 15 -5.28 -32.07 -13.81
CA SER E 15 -4.05 -32.84 -13.65
C SER E 15 -3.75 -33.58 -14.94
N LYS E 16 -2.71 -34.42 -14.91
CA LYS E 16 -2.29 -35.18 -16.07
C LYS E 16 -1.56 -36.43 -15.60
N PRO E 17 -1.97 -37.61 -16.03
CA PRO E 17 -1.28 -38.84 -15.63
C PRO E 17 0.03 -39.00 -16.39
N VAL E 18 0.87 -39.89 -15.85
CA VAL E 18 2.18 -40.19 -16.42
C VAL E 18 2.11 -41.57 -17.08
N ILE E 19 2.40 -41.62 -18.37
CA ILE E 19 2.34 -42.89 -19.10
C ILE E 19 3.64 -43.66 -18.90
N ASN E 20 3.58 -44.96 -19.16
CA ASN E 20 4.74 -45.83 -19.01
C ASN E 20 5.43 -46.06 -20.36
#